data_3BFC
#
_entry.id   3BFC
#
_cell.length_a   188.436
_cell.length_b   73.399
_cell.length_c   105.050
_cell.angle_alpha   90.00
_cell.angle_beta   122.36
_cell.angle_gamma   90.00
#
_symmetry.space_group_name_H-M   'C 1 2 1'
#
loop_
_entity.id
_entity.type
_entity.pdbx_description
1 polymer 'Class A beta-lactamase Sed1'
2 non-polymer '(5R)-5-[(1S,2R)-1-formyl-2-hydroxypropyl]-3-[(2-{[(E)-iminomethyl]amino}ethyl)sulfanyl]-4,5-dihydro-1H-pyrrole-2-carbox ylic acid'
3 water water
#
_entity_poly.entity_id   1
_entity_poly.type   'polypeptide(L)'
_entity_poly.pdbx_seq_one_letter_code
;VQQVQKKLAALEKQSGGRLGVALINTADNSQVLYRADERFAMCSTSKVMTAAAVLKQSETHDGILQQKMTIKKADLTNWN
PVTEKYVGNTMTLAELSAATLQYSDNTAMNKLLAHLGGPGNVTAFARSIGDTTFRLDRKEPELNTAIPGDERDTTSPLAM
AKSLRKLTLGDALAGPQRAQLVDWLKGNTTGGQSIRAGLPAHWVVGDKTGACDYGTTNDIAVIWPEDRAPLVLVTYFTQP
QQDAKWRKDVLAAAAKIVTEGK
;
_entity_poly.pdbx_strand_id   A,B,C,D
#
loop_
_chem_comp.id
_chem_comp.type
_chem_comp.name
_chem_comp.formula
IM2 non-polymer '(5R)-5-[(1S,2R)-1-formyl-2-hydroxypropyl]-3-[(2-{[(E)-iminomethyl]amino}ethyl)sulfanyl]-4,5-dihydro-1H-pyrrole-2-carbox ylic acid' 'C12 H19 N3 O4 S'
#
# COMPACT_ATOMS: atom_id res chain seq x y z
N VAL A 1 -36.77 28.93 -23.61
CA VAL A 1 -36.15 29.78 -22.54
C VAL A 1 -37.21 30.48 -21.69
N GLN A 2 -38.13 31.17 -22.35
CA GLN A 2 -39.20 31.87 -21.66
C GLN A 2 -40.10 30.86 -20.96
N GLN A 3 -39.98 29.60 -21.37
CA GLN A 3 -40.76 28.52 -20.78
C GLN A 3 -40.01 28.09 -19.52
N VAL A 4 -38.68 28.15 -19.58
CA VAL A 4 -37.84 27.81 -18.46
C VAL A 4 -38.04 28.87 -17.40
N GLN A 5 -38.24 30.10 -17.86
CA GLN A 5 -38.47 31.22 -16.96
C GLN A 5 -39.81 31.11 -16.24
N LYS A 6 -40.87 30.75 -16.95
CA LYS A 6 -42.17 30.63 -16.34
C LYS A 6 -42.19 29.47 -15.34
N LYS A 7 -41.43 28.43 -15.64
CA LYS A 7 -41.38 27.28 -14.75
C LYS A 7 -40.67 27.61 -13.45
N LEU A 8 -39.55 28.34 -13.55
CA LEU A 8 -38.80 28.72 -12.36
C LEU A 8 -39.64 29.63 -11.47
N ALA A 9 -40.27 30.61 -12.10
CA ALA A 9 -41.12 31.55 -11.38
C ALA A 9 -42.27 30.82 -10.69
N ALA A 10 -42.78 29.78 -11.33
CA ALA A 10 -43.87 29.01 -10.76
C ALA A 10 -43.35 28.16 -9.61
N LEU A 11 -42.14 27.67 -9.76
CA LEU A 11 -41.51 26.85 -8.73
C LEU A 11 -41.30 27.67 -7.46
N GLU A 12 -40.85 28.92 -7.63
CA GLU A 12 -40.60 29.80 -6.51
C GLU A 12 -41.91 30.14 -5.79
N LYS A 13 -42.91 30.55 -6.56
CA LYS A 13 -44.21 30.92 -5.99
C LYS A 13 -44.86 29.78 -5.21
N GLN A 14 -44.68 28.55 -5.68
CA GLN A 14 -45.25 27.37 -5.01
C GLN A 14 -44.46 26.99 -3.76
N SER A 15 -43.18 27.35 -3.74
CA SER A 15 -42.31 27.04 -2.60
C SER A 15 -42.51 28.01 -1.45
N GLY A 16 -42.94 29.22 -1.76
CA GLY A 16 -43.15 30.21 -0.72
C GLY A 16 -41.87 30.87 -0.23
N GLY A 17 -40.77 30.68 -0.96
CA GLY A 17 -39.51 31.29 -0.57
C GLY A 17 -38.95 32.17 -1.67
N ARG A 18 -37.65 32.42 -1.61
CA ARG A 18 -36.97 33.23 -2.63
C ARG A 18 -35.91 32.33 -3.27
N LEU A 19 -36.02 32.16 -4.58
CA LEU A 19 -35.11 31.31 -5.32
C LEU A 19 -34.15 32.10 -6.20
N GLY A 20 -32.89 31.67 -6.22
CA GLY A 20 -31.89 32.33 -7.02
C GLY A 20 -31.19 31.28 -7.88
N VAL A 21 -31.21 31.49 -9.19
CA VAL A 21 -30.58 30.53 -10.10
C VAL A 21 -29.66 31.18 -11.11
N ALA A 22 -28.55 30.52 -11.36
CA ALA A 22 -27.58 30.97 -12.36
C ALA A 22 -26.97 29.73 -12.98
N LEU A 23 -27.17 29.58 -14.29
CA LEU A 23 -26.62 28.45 -15.02
C LEU A 23 -25.79 28.98 -16.17
N ILE A 24 -24.57 28.48 -16.28
CA ILE A 24 -23.69 28.88 -17.35
C ILE A 24 -23.40 27.65 -18.19
N ASN A 25 -23.66 27.75 -19.50
CA ASN A 25 -23.41 26.65 -20.42
C ASN A 25 -22.09 26.97 -21.10
N THR A 26 -21.02 26.26 -20.75
CA THR A 26 -19.71 26.52 -21.35
C THR A 26 -19.64 26.18 -22.83
N ALA A 27 -20.72 25.64 -23.40
CA ALA A 27 -20.72 25.29 -24.81
C ALA A 27 -20.78 26.54 -25.68
N ASP A 28 -21.60 27.50 -25.28
CA ASP A 28 -21.78 28.75 -26.02
C ASP A 28 -21.84 29.95 -25.09
N ASN A 29 -21.50 29.74 -23.82
CA ASN A 29 -21.53 30.79 -22.80
C ASN A 29 -22.92 31.38 -22.59
N SER A 30 -23.95 30.63 -22.95
CA SER A 30 -25.33 31.11 -22.75
C SER A 30 -25.61 31.05 -21.25
N GLN A 31 -26.63 31.79 -20.80
CA GLN A 31 -26.95 31.81 -19.38
C GLN A 31 -28.44 31.75 -19.09
N VAL A 32 -28.80 31.08 -17.98
CA VAL A 32 -30.17 31.00 -17.54
C VAL A 32 -30.12 31.65 -16.16
N LEU A 33 -30.72 32.83 -16.04
CA LEU A 33 -30.69 33.59 -14.79
C LEU A 33 -32.06 33.82 -14.16
N TYR A 34 -32.10 33.79 -12.83
CA TYR A 34 -33.32 34.04 -12.07
C TYR A 34 -32.85 34.66 -10.75
N ARG A 35 -33.12 35.95 -10.57
CA ARG A 35 -32.68 36.66 -9.37
C ARG A 35 -31.18 36.44 -9.22
N ALA A 36 -30.52 36.29 -10.36
CA ALA A 36 -29.09 36.03 -10.42
C ALA A 36 -28.20 37.14 -9.86
N ASP A 37 -28.71 38.36 -9.76
CA ASP A 37 -27.89 39.46 -9.24
C ASP A 37 -28.23 39.81 -7.79
N GLU A 38 -29.25 39.15 -7.23
CA GLU A 38 -29.65 39.39 -5.84
C GLU A 38 -28.70 38.65 -4.89
N ARG A 39 -28.53 39.16 -3.67
CA ARG A 39 -27.65 38.51 -2.68
C ARG A 39 -28.39 37.44 -1.87
N PHE A 40 -27.68 36.36 -1.60
CA PHE A 40 -28.23 35.26 -0.80
C PHE A 40 -27.15 34.84 0.18
N ALA A 41 -27.56 34.28 1.31
CA ALA A 41 -26.61 33.81 2.29
C ALA A 41 -26.03 32.54 1.67
N MET A 42 -24.71 32.43 1.67
CA MET A 42 -24.04 31.28 1.08
C MET A 42 -23.86 30.13 2.03
N CYS A 43 -23.78 30.46 3.32
CA CYS A 43 -23.44 29.51 4.35
C CYS A 43 -22.42 28.48 3.87
N SER A 44 -22.70 27.19 4.01
CA SER A 44 -21.74 26.16 3.62
C SER A 44 -21.11 26.23 2.22
N THR A 45 -21.77 26.83 1.24
CA THR A 45 -21.19 26.89 -0.09
C THR A 45 -19.97 27.81 -0.14
N SER A 46 -19.77 28.59 0.93
CA SER A 46 -18.63 29.50 1.01
C SER A 46 -17.33 28.73 1.25
N LYS A 47 -17.47 27.46 1.65
CA LYS A 47 -16.29 26.62 1.89
C LYS A 47 -15.50 26.33 0.61
N VAL A 48 -16.14 26.51 -0.54
CA VAL A 48 -15.47 26.27 -1.82
C VAL A 48 -14.42 27.36 -2.05
N MET A 49 -14.82 28.61 -1.92
CA MET A 49 -13.90 29.73 -2.09
C MET A 49 -12.77 29.59 -1.08
N THR A 50 -13.13 29.21 0.15
CA THR A 50 -12.16 29.05 1.22
C THR A 50 -11.12 27.98 0.93
N ALA A 51 -11.57 26.81 0.48
CA ALA A 51 -10.65 25.72 0.17
C ALA A 51 -9.77 26.12 -1.01
N ALA A 52 -10.36 26.85 -1.95
CA ALA A 52 -9.63 27.28 -3.12
C ALA A 52 -8.51 28.25 -2.75
N ALA A 53 -8.71 29.02 -1.69
CA ALA A 53 -7.69 29.98 -1.26
C ALA A 53 -6.50 29.20 -0.72
N VAL A 54 -6.78 28.10 -0.04
CA VAL A 54 -5.71 27.27 0.50
C VAL A 54 -4.95 26.65 -0.67
N LEU A 55 -5.69 26.20 -1.68
CA LEU A 55 -5.06 25.58 -2.86
C LEU A 55 -4.20 26.60 -3.60
N LYS A 56 -4.64 27.85 -3.61
CA LYS A 56 -3.89 28.89 -4.28
C LYS A 56 -2.50 28.99 -3.64
N GLN A 57 -2.44 28.99 -2.31
CA GLN A 57 -1.16 29.05 -1.61
C GLN A 57 -0.23 27.91 -2.05
N SER A 58 -0.80 26.70 -2.16
CA SER A 58 -0.01 25.53 -2.54
C SER A 58 0.71 25.66 -3.88
N GLU A 59 0.33 26.64 -4.68
CA GLU A 59 0.98 26.87 -5.97
C GLU A 59 2.38 27.46 -5.77
N THR A 60 2.57 28.12 -4.63
CA THR A 60 3.86 28.74 -4.33
C THR A 60 4.53 28.20 -3.06
N HIS A 61 3.76 27.54 -2.21
CA HIS A 61 4.30 26.96 -0.99
C HIS A 61 4.28 25.44 -1.11
N ASP A 62 5.43 24.88 -1.47
CA ASP A 62 5.56 23.44 -1.66
C ASP A 62 5.13 22.59 -0.46
N GLY A 63 4.32 21.57 -0.73
CA GLY A 63 3.85 20.66 0.31
C GLY A 63 2.97 21.22 1.40
N ILE A 64 2.45 22.43 1.23
CA ILE A 64 1.61 23.03 2.25
C ILE A 64 0.40 22.15 2.64
N LEU A 65 -0.12 21.40 1.67
CA LEU A 65 -1.28 20.54 1.94
C LEU A 65 -0.96 19.38 2.89
N GLN A 66 0.33 19.17 3.15
CA GLN A 66 0.77 18.11 4.06
C GLN A 66 1.08 18.68 5.44
N GLN A 67 0.89 19.99 5.60
CA GLN A 67 1.14 20.64 6.88
C GLN A 67 0.04 20.23 7.88
N LYS A 68 0.44 19.91 9.09
CA LYS A 68 -0.51 19.48 10.11
C LYS A 68 -1.02 20.56 11.06
N MET A 69 -2.23 20.35 11.57
CA MET A 69 -2.88 21.25 12.52
C MET A 69 -3.48 20.34 13.59
N THR A 70 -3.32 20.71 14.85
CA THR A 70 -3.84 19.91 15.94
C THR A 70 -5.33 20.16 16.20
N ILE A 71 -6.08 19.08 16.37
CA ILE A 71 -7.52 19.17 16.65
C ILE A 71 -7.72 18.91 18.14
N LYS A 72 -8.40 19.84 18.80
CA LYS A 72 -8.66 19.73 20.24
C LYS A 72 -10.14 19.86 20.52
N LYS A 73 -10.61 19.17 21.57
CA LYS A 73 -12.02 19.20 21.94
C LYS A 73 -12.60 20.61 22.00
N ALA A 74 -11.74 21.59 22.25
CA ALA A 74 -12.15 22.98 22.33
C ALA A 74 -12.45 23.58 20.96
N ASP A 75 -11.89 22.98 19.91
CA ASP A 75 -12.10 23.46 18.54
C ASP A 75 -13.46 23.04 18.01
N LEU A 76 -13.97 21.93 18.52
CA LEU A 76 -15.26 21.40 18.06
C LEU A 76 -16.40 22.41 18.14
N THR A 77 -17.25 22.37 17.11
CA THR A 77 -18.38 23.26 17.02
C THR A 77 -19.67 22.44 17.08
N ASN A 78 -20.69 22.88 16.34
CA ASN A 78 -21.98 22.20 16.31
C ASN A 78 -22.07 21.09 15.26
N TRP A 79 -21.03 20.93 14.45
CA TRP A 79 -21.04 19.92 13.41
C TRP A 79 -19.61 19.49 13.10
N ASN A 80 -19.21 18.35 13.64
CA ASN A 80 -17.86 17.85 13.42
C ASN A 80 -17.86 16.38 13.03
N PRO A 81 -18.56 16.05 11.93
CA PRO A 81 -18.62 14.65 11.47
C PRO A 81 -17.27 13.96 11.33
N VAL A 82 -16.24 14.70 10.93
CA VAL A 82 -14.91 14.14 10.76
C VAL A 82 -13.95 14.56 11.86
N THR A 83 -13.85 15.86 12.11
CA THR A 83 -12.93 16.36 13.12
C THR A 83 -13.07 15.73 14.51
N GLU A 84 -14.29 15.35 14.90
CA GLU A 84 -14.48 14.74 16.21
C GLU A 84 -13.78 13.38 16.27
N LYS A 85 -13.41 12.85 15.12
CA LYS A 85 -12.72 11.57 15.05
C LYS A 85 -11.22 11.76 15.22
N TYR A 86 -10.79 13.02 15.32
CA TYR A 86 -9.37 13.32 15.47
C TYR A 86 -9.02 14.12 16.73
N VAL A 87 -9.96 14.23 17.66
CA VAL A 87 -9.70 14.98 18.88
C VAL A 87 -8.36 14.54 19.48
N GLY A 88 -7.53 15.51 19.82
CA GLY A 88 -6.22 15.20 20.39
C GLY A 88 -5.20 14.75 19.37
N ASN A 89 -5.51 14.87 18.08
CA ASN A 89 -4.59 14.47 17.04
C ASN A 89 -4.46 15.53 15.95
N THR A 90 -3.72 15.20 14.89
CA THR A 90 -3.51 16.15 13.81
C THR A 90 -4.17 15.73 12.50
N MET A 91 -4.46 16.74 11.68
CA MET A 91 -5.06 16.56 10.37
C MET A 91 -4.30 17.49 9.43
N THR A 92 -3.98 17.03 8.23
CA THR A 92 -3.29 17.87 7.27
C THR A 92 -4.30 18.83 6.64
N LEU A 93 -3.80 19.90 6.02
CA LEU A 93 -4.67 20.87 5.38
C LEU A 93 -5.52 20.22 4.28
N ALA A 94 -4.97 19.17 3.64
CA ALA A 94 -5.69 18.45 2.60
C ALA A 94 -6.86 17.70 3.25
N GLU A 95 -6.59 17.01 4.34
CA GLU A 95 -7.62 16.27 5.06
C GLU A 95 -8.69 17.22 5.57
N LEU A 96 -8.27 18.37 6.08
CA LEU A 96 -9.20 19.37 6.59
C LEU A 96 -10.04 19.93 5.44
N SER A 97 -9.40 20.13 4.28
CA SER A 97 -10.11 20.66 3.12
C SER A 97 -11.13 19.64 2.64
N ALA A 98 -10.76 18.35 2.68
CA ALA A 98 -11.64 17.29 2.24
C ALA A 98 -12.83 17.16 3.19
N ALA A 99 -12.56 17.21 4.49
CA ALA A 99 -13.61 17.10 5.50
C ALA A 99 -14.58 18.28 5.36
N THR A 100 -14.02 19.45 5.08
CA THR A 100 -14.78 20.67 4.90
C THR A 100 -15.73 20.65 3.70
N LEU A 101 -15.22 20.14 2.57
CA LEU A 101 -15.96 20.08 1.31
C LEU A 101 -16.90 18.89 1.12
N GLN A 102 -16.45 17.71 1.54
CA GLN A 102 -17.22 16.49 1.35
C GLN A 102 -18.19 16.12 2.48
N TYR A 103 -17.93 16.58 3.71
CA TYR A 103 -18.83 16.29 4.82
C TYR A 103 -19.34 17.60 5.46
N SER A 104 -18.84 18.72 4.94
CA SER A 104 -19.22 20.06 5.40
C SER A 104 -18.92 20.27 6.87
N ASP A 105 -17.80 19.72 7.31
CA ASP A 105 -17.36 19.82 8.70
C ASP A 105 -17.10 21.28 9.09
N ASN A 106 -17.81 21.76 10.12
CA ASN A 106 -17.67 23.13 10.61
C ASN A 106 -16.34 23.45 11.28
N THR A 107 -15.82 22.47 12.02
CA THR A 107 -14.55 22.64 12.70
C THR A 107 -13.40 22.69 11.71
N ALA A 108 -13.50 21.90 10.64
CA ALA A 108 -12.45 21.89 9.63
C ALA A 108 -12.46 23.27 8.96
N MET A 109 -13.65 23.79 8.70
CA MET A 109 -13.79 25.10 8.08
C MET A 109 -13.06 26.14 8.92
N ASN A 110 -13.28 26.12 10.24
CA ASN A 110 -12.63 27.07 11.14
C ASN A 110 -11.12 26.87 11.21
N LYS A 111 -10.67 25.63 10.98
CA LYS A 111 -9.24 25.37 10.99
C LYS A 111 -8.62 26.03 9.76
N LEU A 112 -9.30 25.92 8.63
CA LEU A 112 -8.80 26.52 7.41
C LEU A 112 -8.78 28.03 7.58
N LEU A 113 -9.84 28.58 8.16
CA LEU A 113 -9.93 30.02 8.37
C LEU A 113 -8.80 30.53 9.26
N ALA A 114 -8.49 29.77 10.31
CA ALA A 114 -7.42 30.16 11.22
C ALA A 114 -6.10 30.14 10.46
N HIS A 115 -5.93 29.14 9.60
CA HIS A 115 -4.71 29.03 8.81
C HIS A 115 -4.57 30.23 7.88
N LEU A 116 -5.67 30.59 7.22
CA LEU A 116 -5.68 31.72 6.27
C LEU A 116 -5.66 33.11 6.92
N GLY A 117 -5.87 33.18 8.23
CA GLY A 117 -5.85 34.46 8.90
C GLY A 117 -7.20 35.12 9.07
N GLY A 118 -8.27 34.36 8.91
CA GLY A 118 -9.60 34.93 9.07
C GLY A 118 -10.37 34.97 7.76
N PRO A 119 -11.68 35.24 7.82
CA PRO A 119 -12.54 35.31 6.64
C PRO A 119 -12.24 36.47 5.70
N GLY A 120 -11.59 37.51 6.21
CA GLY A 120 -11.26 38.64 5.38
C GLY A 120 -10.27 38.25 4.28
N ASN A 121 -9.47 37.23 4.56
CA ASN A 121 -8.48 36.76 3.59
C ASN A 121 -9.14 35.95 2.48
N VAL A 122 -10.28 35.35 2.77
CA VAL A 122 -11.01 34.58 1.77
C VAL A 122 -11.64 35.61 0.83
N THR A 123 -12.17 36.68 1.41
CA THR A 123 -12.77 37.74 0.61
C THR A 123 -11.73 38.34 -0.33
N ALA A 124 -10.54 38.59 0.20
CA ALA A 124 -9.46 39.15 -0.59
C ALA A 124 -9.12 38.23 -1.74
N PHE A 125 -9.13 36.91 -1.49
CA PHE A 125 -8.81 35.95 -2.53
C PHE A 125 -9.83 36.06 -3.66
N ALA A 126 -11.10 36.18 -3.29
CA ALA A 126 -12.19 36.29 -4.25
C ALA A 126 -11.97 37.50 -5.15
N ARG A 127 -11.55 38.61 -4.55
CA ARG A 127 -11.28 39.84 -5.30
C ARG A 127 -10.09 39.62 -6.26
N SER A 128 -9.12 38.82 -5.84
CA SER A 128 -7.95 38.58 -6.67
C SER A 128 -8.32 37.79 -7.94
N ILE A 129 -9.44 37.09 -7.92
CA ILE A 129 -9.87 36.33 -9.09
C ILE A 129 -10.97 37.07 -9.86
N GLY A 130 -11.24 38.31 -9.45
CA GLY A 130 -12.24 39.10 -10.15
C GLY A 130 -13.66 39.06 -9.59
N ASP A 131 -13.86 38.43 -8.44
CA ASP A 131 -15.19 38.36 -7.85
C ASP A 131 -15.36 39.54 -6.89
N THR A 132 -16.15 40.53 -7.27
CA THR A 132 -16.37 41.70 -6.39
C THR A 132 -17.67 41.64 -5.61
N THR A 133 -18.37 40.51 -5.71
CA THR A 133 -19.63 40.36 -5.01
C THR A 133 -19.48 39.56 -3.73
N PHE A 134 -18.76 38.44 -3.82
CA PHE A 134 -18.50 37.56 -2.70
C PHE A 134 -17.93 38.28 -1.47
N ARG A 135 -18.33 37.81 -0.30
CA ARG A 135 -17.83 38.37 0.95
C ARG A 135 -18.03 37.40 2.11
N LEU A 136 -16.94 37.09 2.81
CA LEU A 136 -17.01 36.20 3.96
C LEU A 136 -16.70 37.09 5.15
N ASP A 137 -17.63 37.13 6.11
CA ASP A 137 -17.46 38.01 7.27
C ASP A 137 -17.23 37.34 8.61
N ARG A 138 -17.81 36.17 8.81
CA ARG A 138 -17.69 35.47 10.10
C ARG A 138 -17.15 34.06 9.98
N LYS A 139 -16.97 33.41 11.14
CA LYS A 139 -16.46 32.04 11.19
C LYS A 139 -17.64 31.11 11.47
N GLU A 140 -17.37 29.82 11.68
CA GLU A 140 -18.43 28.87 11.98
C GLU A 140 -18.74 28.89 13.48
N PRO A 141 -20.03 28.76 13.85
CA PRO A 141 -21.19 28.60 12.97
C PRO A 141 -21.96 29.90 12.66
N GLU A 142 -21.51 31.03 13.21
CA GLU A 142 -22.18 32.32 13.02
C GLU A 142 -22.47 32.74 11.58
N LEU A 143 -21.63 32.31 10.63
CA LEU A 143 -21.84 32.69 9.25
C LEU A 143 -23.10 32.08 8.62
N ASN A 144 -23.79 31.21 9.36
CA ASN A 144 -24.99 30.56 8.84
C ASN A 144 -26.32 31.20 9.29
N THR A 145 -26.28 32.34 9.97
CA THR A 145 -27.52 32.98 10.45
C THR A 145 -28.50 33.30 9.31
N ALA A 146 -27.96 33.58 8.13
CA ALA A 146 -28.76 33.88 6.94
C ALA A 146 -29.93 34.83 7.17
N ILE A 147 -29.74 35.85 7.99
CA ILE A 147 -30.78 36.81 8.29
C ILE A 147 -31.19 37.61 7.06
N PRO A 148 -32.50 37.71 6.78
CA PRO A 148 -32.99 38.46 5.63
C PRO A 148 -32.54 39.92 5.71
N GLY A 149 -32.05 40.46 4.60
CA GLY A 149 -31.61 41.84 4.59
C GLY A 149 -30.17 42.02 5.05
N ASP A 150 -29.56 40.96 5.59
CA ASP A 150 -28.19 41.05 6.06
C ASP A 150 -27.26 40.70 4.88
N GLU A 151 -26.25 41.53 4.65
CA GLU A 151 -25.32 41.28 3.54
C GLU A 151 -24.11 40.45 3.94
N ARG A 152 -23.90 40.29 5.24
CA ARG A 152 -22.78 39.50 5.72
C ARG A 152 -22.82 38.09 5.14
N ASP A 153 -21.65 37.59 4.73
CA ASP A 153 -21.53 36.23 4.20
C ASP A 153 -22.50 35.90 3.07
N THR A 154 -22.57 36.78 2.08
CA THR A 154 -23.47 36.56 0.95
C THR A 154 -22.76 36.73 -0.39
N THR A 155 -23.50 36.42 -1.45
CA THR A 155 -23.01 36.58 -2.81
C THR A 155 -24.21 36.40 -3.71
N SER A 156 -24.00 36.59 -5.01
CA SER A 156 -25.10 36.43 -5.95
C SER A 156 -24.93 35.11 -6.69
N PRO A 157 -26.05 34.55 -7.20
CA PRO A 157 -25.94 33.29 -7.92
C PRO A 157 -24.97 33.39 -9.09
N LEU A 158 -25.09 34.47 -9.87
CA LEU A 158 -24.22 34.65 -11.03
C LEU A 158 -22.76 34.79 -10.67
N ALA A 159 -22.45 35.60 -9.65
CA ALA A 159 -21.07 35.78 -9.25
C ALA A 159 -20.47 34.48 -8.77
N MET A 160 -21.24 33.68 -8.04
CA MET A 160 -20.71 32.41 -7.54
C MET A 160 -20.57 31.40 -8.69
N ALA A 161 -21.40 31.55 -9.73
CA ALA A 161 -21.30 30.63 -10.87
C ALA A 161 -20.02 30.97 -11.64
N LYS A 162 -19.76 32.25 -11.81
CA LYS A 162 -18.57 32.69 -12.52
C LYS A 162 -17.29 32.27 -11.79
N SER A 163 -17.27 32.43 -10.48
CA SER A 163 -16.10 32.04 -9.70
C SER A 163 -15.90 30.53 -9.69
N LEU A 164 -16.99 29.77 -9.59
CA LEU A 164 -16.85 28.32 -9.57
C LEU A 164 -16.27 27.87 -10.91
N ARG A 165 -16.70 28.50 -12.00
CA ARG A 165 -16.21 28.19 -13.32
C ARG A 165 -14.73 28.54 -13.43
N LYS A 166 -14.37 29.75 -13.00
CA LYS A 166 -12.98 30.18 -13.03
C LYS A 166 -12.08 29.24 -12.26
N LEU A 167 -12.57 28.77 -11.11
CA LEU A 167 -11.83 27.88 -10.22
C LEU A 167 -11.71 26.42 -10.68
N THR A 168 -12.77 25.90 -11.30
CA THR A 168 -12.75 24.50 -11.73
C THR A 168 -12.41 24.26 -13.19
N LEU A 169 -12.72 25.23 -14.04
CA LEU A 169 -12.48 25.12 -15.48
C LEU A 169 -11.57 26.22 -16.05
N GLY A 170 -11.52 27.36 -15.39
CA GLY A 170 -10.71 28.48 -15.86
C GLY A 170 -9.26 28.50 -15.41
N ASP A 171 -8.73 29.69 -15.15
CA ASP A 171 -7.34 29.83 -14.74
C ASP A 171 -7.09 30.40 -13.35
N ALA A 172 -8.14 30.56 -12.56
CA ALA A 172 -7.99 31.10 -11.22
C ALA A 172 -7.01 30.25 -10.39
N LEU A 173 -6.96 28.96 -10.68
CA LEU A 173 -6.07 28.02 -9.99
C LEU A 173 -5.21 27.33 -11.05
N ALA A 174 -4.03 26.85 -10.65
CA ALA A 174 -3.15 26.15 -11.59
C ALA A 174 -3.65 24.71 -11.77
N GLY A 175 -3.07 23.99 -12.73
CA GLY A 175 -3.47 22.63 -13.02
C GLY A 175 -3.68 21.66 -11.86
N PRO A 176 -2.63 21.38 -11.07
CA PRO A 176 -2.77 20.45 -9.94
C PRO A 176 -3.85 20.87 -8.94
N GLN A 177 -3.87 22.17 -8.62
CA GLN A 177 -4.85 22.70 -7.69
C GLN A 177 -6.27 22.60 -8.27
N ARG A 178 -6.40 22.91 -9.56
CA ARG A 178 -7.68 22.85 -10.24
C ARG A 178 -8.23 21.43 -10.24
N ALA A 179 -7.34 20.46 -10.44
CA ALA A 179 -7.68 19.05 -10.46
C ALA A 179 -8.09 18.55 -9.08
N GLN A 180 -7.43 19.06 -8.04
CA GLN A 180 -7.75 18.65 -6.67
C GLN A 180 -9.11 19.19 -6.23
N LEU A 181 -9.44 20.41 -6.63
CA LEU A 181 -10.72 21.00 -6.27
C LEU A 181 -11.86 20.24 -6.95
N VAL A 182 -11.66 19.88 -8.22
CA VAL A 182 -12.66 19.14 -8.98
C VAL A 182 -12.88 17.76 -8.34
N ASP A 183 -11.78 17.14 -7.91
CA ASP A 183 -11.87 15.83 -7.28
C ASP A 183 -12.63 15.93 -5.97
N TRP A 184 -12.34 16.96 -5.19
CA TRP A 184 -13.03 17.15 -3.92
C TRP A 184 -14.53 17.37 -4.14
N LEU A 185 -14.87 18.22 -5.09
CA LEU A 185 -16.28 18.51 -5.38
C LEU A 185 -17.04 17.27 -5.84
N LYS A 186 -16.35 16.39 -6.59
CA LYS A 186 -16.98 15.18 -7.09
C LYS A 186 -17.16 14.16 -5.98
N GLY A 187 -16.35 14.29 -4.93
CA GLY A 187 -16.42 13.37 -3.81
C GLY A 187 -17.38 13.83 -2.71
N ASN A 188 -18.14 14.89 -2.98
CA ASN A 188 -19.09 15.37 -1.99
C ASN A 188 -20.10 14.29 -1.64
N THR A 189 -20.36 14.10 -0.34
CA THR A 189 -21.29 13.07 0.11
C THR A 189 -22.64 13.62 0.54
N THR A 190 -22.80 14.94 0.56
CA THR A 190 -24.05 15.54 1.03
C THR A 190 -25.01 16.09 -0.03
N GLY A 191 -24.69 15.95 -1.31
CA GLY A 191 -25.57 16.50 -2.33
C GLY A 191 -26.60 15.58 -2.99
N GLY A 192 -26.72 14.35 -2.52
CA GLY A 192 -27.66 13.41 -3.10
C GLY A 192 -29.10 13.84 -3.36
N GLN A 193 -29.65 14.75 -2.56
CA GLN A 193 -31.03 15.19 -2.76
C GLN A 193 -31.19 16.59 -3.35
N SER A 194 -30.09 17.19 -3.79
CA SER A 194 -30.16 18.54 -4.35
C SER A 194 -30.04 18.52 -5.88
N ILE A 195 -29.13 19.34 -6.40
CA ILE A 195 -28.91 19.43 -7.86
C ILE A 195 -28.81 18.05 -8.52
N ARG A 196 -28.06 17.14 -7.90
CA ARG A 196 -27.89 15.78 -8.45
C ARG A 196 -29.23 15.06 -8.65
N ALA A 197 -30.17 15.24 -7.72
CA ALA A 197 -31.47 14.59 -7.79
C ALA A 197 -32.30 14.98 -9.01
N GLY A 198 -32.01 16.14 -9.59
CA GLY A 198 -32.76 16.57 -10.75
C GLY A 198 -32.03 16.30 -12.06
N LEU A 199 -31.01 15.46 -12.00
CA LEU A 199 -30.22 15.14 -13.19
C LEU A 199 -30.14 13.66 -13.52
N PRO A 200 -29.96 13.32 -14.82
CA PRO A 200 -29.86 11.91 -15.20
C PRO A 200 -28.78 11.29 -14.32
N ALA A 201 -29.03 10.09 -13.82
CA ALA A 201 -28.11 9.40 -12.92
C ALA A 201 -26.66 9.21 -13.37
N HIS A 202 -26.42 8.99 -14.67
CA HIS A 202 -25.04 8.76 -15.13
C HIS A 202 -24.22 10.02 -15.40
N TRP A 203 -24.84 11.19 -15.29
CA TRP A 203 -24.12 12.44 -15.52
C TRP A 203 -23.11 12.62 -14.38
N VAL A 204 -21.96 13.20 -14.69
CA VAL A 204 -20.89 13.42 -13.70
C VAL A 204 -21.07 14.78 -13.04
N VAL A 205 -21.01 14.82 -11.71
CA VAL A 205 -21.21 16.06 -10.99
C VAL A 205 -20.24 16.29 -9.83
N GLY A 206 -19.88 17.54 -9.64
CA GLY A 206 -19.06 18.00 -8.54
C GLY A 206 -19.90 19.11 -7.91
N ASP A 207 -20.10 19.09 -6.59
CA ASP A 207 -20.92 20.14 -5.96
C ASP A 207 -20.63 20.37 -4.48
N LYS A 208 -21.18 21.48 -3.97
CA LYS A 208 -21.06 21.81 -2.56
C LYS A 208 -22.41 22.33 -2.10
N THR A 209 -22.99 21.65 -1.12
CA THR A 209 -24.29 22.05 -0.60
C THR A 209 -24.20 23.01 0.57
N GLY A 210 -25.36 23.44 1.03
CA GLY A 210 -25.44 24.35 2.15
C GLY A 210 -26.84 24.29 2.71
N ALA A 211 -26.96 24.32 4.02
CA ALA A 211 -28.25 24.28 4.68
C ALA A 211 -28.13 25.08 5.96
N CYS A 212 -28.81 26.21 6.01
CA CYS A 212 -28.72 27.03 7.20
C CYS A 212 -30.05 27.66 7.63
N ASP A 213 -29.98 28.59 8.58
CA ASP A 213 -31.20 29.22 9.09
C ASP A 213 -32.10 29.77 8.00
N TYR A 214 -33.34 30.05 8.39
CA TYR A 214 -34.35 30.57 7.49
C TYR A 214 -34.57 29.58 6.36
N GLY A 215 -34.46 28.29 6.69
CA GLY A 215 -34.66 27.25 5.71
C GLY A 215 -33.84 27.43 4.45
N THR A 216 -32.70 28.12 4.56
CA THR A 216 -31.85 28.34 3.39
C THR A 216 -31.21 27.03 2.96
N THR A 217 -31.50 26.64 1.72
CA THR A 217 -31.01 25.39 1.15
C THR A 217 -30.28 25.73 -0.15
N ASN A 218 -28.95 25.60 -0.16
CA ASN A 218 -28.13 25.94 -1.32
C ASN A 218 -27.36 24.78 -1.94
N ASP A 219 -26.77 25.06 -3.10
CA ASP A 219 -25.98 24.06 -3.80
C ASP A 219 -25.36 24.68 -5.04
N ILE A 220 -24.06 24.47 -5.21
CA ILE A 220 -23.37 24.98 -6.38
C ILE A 220 -22.66 23.79 -7.01
N ALA A 221 -22.75 23.67 -8.33
CA ALA A 221 -22.14 22.52 -8.99
C ALA A 221 -21.62 22.77 -10.39
N VAL A 222 -20.81 21.81 -10.80
CA VAL A 222 -20.27 21.77 -12.15
C VAL A 222 -20.78 20.48 -12.71
N ILE A 223 -21.48 20.54 -13.83
CA ILE A 223 -22.10 19.36 -14.42
C ILE A 223 -21.58 18.95 -15.79
N TRP A 224 -21.18 17.69 -15.93
CA TRP A 224 -20.68 17.18 -17.20
C TRP A 224 -21.75 16.25 -17.79
N PRO A 225 -22.57 16.76 -18.74
CA PRO A 225 -23.61 15.94 -19.36
C PRO A 225 -23.00 15.03 -20.42
N GLU A 226 -22.75 13.78 -20.06
CA GLU A 226 -22.16 12.83 -21.01
C GLU A 226 -20.89 13.45 -21.62
N ASP A 227 -20.77 13.44 -22.94
CA ASP A 227 -19.59 14.01 -23.57
C ASP A 227 -19.74 15.45 -24.06
N ARG A 228 -20.73 16.16 -23.53
CA ARG A 228 -20.97 17.55 -23.91
C ARG A 228 -20.29 18.54 -22.95
N ALA A 229 -20.16 19.79 -23.37
CA ALA A 229 -19.53 20.83 -22.55
C ALA A 229 -20.20 20.96 -21.19
N PRO A 230 -19.39 21.12 -20.13
CA PRO A 230 -19.91 21.24 -18.76
C PRO A 230 -20.77 22.48 -18.50
N LEU A 231 -21.69 22.33 -17.55
CA LEU A 231 -22.58 23.41 -17.13
C LEU A 231 -22.23 23.79 -15.69
N VAL A 232 -22.23 25.09 -15.40
CA VAL A 232 -21.93 25.56 -14.05
C VAL A 232 -23.28 26.04 -13.51
N LEU A 233 -23.71 25.46 -12.40
CA LEU A 233 -25.02 25.82 -11.87
C LEU A 233 -25.06 26.19 -10.39
N VAL A 234 -25.78 27.26 -10.10
CA VAL A 234 -25.96 27.73 -8.74
C VAL A 234 -27.45 27.85 -8.44
N THR A 235 -27.89 27.14 -7.42
CA THR A 235 -29.29 27.19 -6.99
C THR A 235 -29.33 27.58 -5.51
N TYR A 236 -29.77 28.78 -5.24
CA TYR A 236 -29.85 29.30 -3.89
C TYR A 236 -31.32 29.46 -3.48
N PHE A 237 -31.66 29.09 -2.26
CA PHE A 237 -33.05 29.20 -1.83
C PHE A 237 -33.17 29.52 -0.35
N THR A 238 -33.98 30.53 -0.04
CA THR A 238 -34.17 30.92 1.35
C THR A 238 -35.66 31.19 1.64
N GLN A 239 -36.06 31.03 2.89
CA GLN A 239 -37.47 31.21 3.26
C GLN A 239 -37.74 32.28 4.34
N PRO A 240 -39.02 32.67 4.51
CA PRO A 240 -39.44 33.68 5.49
C PRO A 240 -39.27 33.35 6.98
N GLN A 241 -39.39 32.07 7.35
CA GLN A 241 -39.29 31.65 8.74
C GLN A 241 -37.89 31.20 9.15
N GLN A 242 -37.44 31.77 10.26
CA GLN A 242 -36.12 31.48 10.83
C GLN A 242 -35.96 29.97 11.01
N ASP A 243 -37.01 29.33 11.53
CA ASP A 243 -36.99 27.89 11.79
C ASP A 243 -37.59 27.03 10.67
N ALA A 244 -37.66 27.57 9.47
CA ALA A 244 -38.23 26.83 8.34
C ALA A 244 -37.41 25.56 8.05
N LYS A 245 -38.06 24.58 7.43
CA LYS A 245 -37.39 23.33 7.09
C LYS A 245 -36.69 23.46 5.74
N TRP A 246 -35.64 22.67 5.54
CA TRP A 246 -34.88 22.71 4.30
C TRP A 246 -35.62 22.10 3.11
N ARG A 247 -35.44 22.71 1.93
CA ARG A 247 -36.10 22.25 0.71
C ARG A 247 -35.11 21.82 -0.36
N LYS A 248 -34.39 20.74 -0.09
CA LYS A 248 -33.42 20.23 -1.05
C LYS A 248 -34.13 19.87 -2.35
N ASP A 249 -35.42 19.56 -2.24
CA ASP A 249 -36.22 19.17 -3.39
C ASP A 249 -36.49 20.34 -4.34
N VAL A 250 -36.46 21.56 -3.82
CA VAL A 250 -36.67 22.72 -4.66
C VAL A 250 -35.47 22.93 -5.58
N LEU A 251 -34.27 22.61 -5.07
CA LEU A 251 -33.05 22.76 -5.84
C LEU A 251 -32.97 21.69 -6.93
N ALA A 252 -33.57 20.54 -6.65
CA ALA A 252 -33.57 19.44 -7.60
C ALA A 252 -34.47 19.80 -8.78
N ALA A 253 -35.59 20.44 -8.48
CA ALA A 253 -36.55 20.86 -9.50
C ALA A 253 -36.00 22.01 -10.32
N ALA A 254 -35.28 22.92 -9.66
CA ALA A 254 -34.70 24.04 -10.39
C ALA A 254 -33.66 23.45 -11.34
N ALA A 255 -32.88 22.50 -10.83
CA ALA A 255 -31.85 21.84 -11.64
C ALA A 255 -32.45 21.17 -12.88
N LYS A 256 -33.49 20.37 -12.69
CA LYS A 256 -34.13 19.69 -13.81
C LYS A 256 -34.68 20.67 -14.84
N ILE A 257 -35.31 21.73 -14.35
CA ILE A 257 -35.88 22.75 -15.22
C ILE A 257 -34.87 23.40 -16.17
N VAL A 258 -33.73 23.82 -15.65
CA VAL A 258 -32.73 24.48 -16.49
C VAL A 258 -31.75 23.58 -17.25
N THR A 259 -31.61 22.32 -16.84
CA THR A 259 -30.68 21.43 -17.52
C THR A 259 -31.33 20.41 -18.44
N GLU A 260 -32.65 20.27 -18.38
CA GLU A 260 -33.30 19.30 -19.26
C GLU A 260 -32.97 19.64 -20.70
N GLY A 261 -32.59 18.63 -21.47
CA GLY A 261 -32.28 18.84 -22.87
C GLY A 261 -30.87 19.35 -23.12
N LYS A 262 -30.04 19.33 -22.09
CA LYS A 262 -28.66 19.80 -22.21
C LYS A 262 -27.69 18.63 -22.36
N VAL B 1 0.00 -4.93 -11.01
CA VAL B 1 0.89 -4.23 -11.98
C VAL B 1 1.69 -5.23 -12.81
N GLN B 2 2.01 -6.38 -12.21
CA GLN B 2 2.77 -7.41 -12.92
C GLN B 2 1.85 -8.11 -13.90
N GLN B 3 0.61 -8.31 -13.49
CA GLN B 3 -0.40 -8.96 -14.32
C GLN B 3 -0.59 -8.12 -15.57
N VAL B 4 -0.60 -6.81 -15.40
CA VAL B 4 -0.76 -5.88 -16.52
C VAL B 4 0.37 -6.07 -17.51
N GLN B 5 1.59 -6.15 -17.01
CA GLN B 5 2.75 -6.30 -17.87
C GLN B 5 2.75 -7.60 -18.66
N LYS B 6 2.54 -8.73 -17.99
CA LYS B 6 2.52 -10.01 -18.69
C LYS B 6 1.41 -10.02 -19.74
N LYS B 7 0.29 -9.36 -19.42
CA LYS B 7 -0.84 -9.31 -20.34
C LYS B 7 -0.51 -8.48 -21.59
N LEU B 8 0.18 -7.37 -21.40
CA LEU B 8 0.57 -6.52 -22.53
C LEU B 8 1.57 -7.28 -23.41
N ALA B 9 2.57 -7.89 -22.78
CA ALA B 9 3.56 -8.64 -23.52
C ALA B 9 2.84 -9.68 -24.36
N ALA B 10 1.94 -10.44 -23.74
CA ALA B 10 1.20 -11.48 -24.45
C ALA B 10 0.47 -10.88 -25.66
N LEU B 11 -0.18 -9.74 -25.46
CA LEU B 11 -0.90 -9.07 -26.54
C LEU B 11 0.01 -8.67 -27.70
N GLU B 12 1.22 -8.22 -27.38
CA GLU B 12 2.17 -7.82 -28.42
C GLU B 12 2.55 -9.04 -29.28
N LYS B 13 2.87 -10.16 -28.63
CA LYS B 13 3.22 -11.37 -29.34
C LYS B 13 2.10 -11.78 -30.30
N GLN B 14 0.88 -11.79 -29.78
CA GLN B 14 -0.31 -12.17 -30.55
C GLN B 14 -0.55 -11.29 -31.77
N SER B 15 -0.13 -10.04 -31.68
CA SER B 15 -0.33 -9.07 -32.75
C SER B 15 0.70 -9.16 -33.87
N GLY B 16 1.88 -9.67 -33.56
CA GLY B 16 2.92 -9.76 -34.57
C GLY B 16 3.62 -8.41 -34.80
N GLY B 17 3.16 -7.37 -34.11
CA GLY B 17 3.79 -6.07 -34.28
C GLY B 17 4.51 -5.53 -33.05
N ARG B 18 4.75 -4.21 -33.03
CA ARG B 18 5.41 -3.56 -31.91
C ARG B 18 4.41 -2.62 -31.24
N LEU B 19 4.16 -2.88 -29.95
CA LEU B 19 3.20 -2.10 -29.19
C LEU B 19 3.81 -1.13 -28.18
N GLY B 20 3.30 0.09 -28.17
CA GLY B 20 3.78 1.12 -27.25
C GLY B 20 2.62 1.64 -26.42
N VAL B 21 2.74 1.59 -25.10
CA VAL B 21 1.67 2.07 -24.22
C VAL B 21 2.17 2.92 -23.06
N ALA B 22 1.44 3.99 -22.79
CA ALA B 22 1.76 4.89 -21.70
C ALA B 22 0.44 5.37 -21.09
N LEU B 23 0.21 4.99 -19.84
CA LEU B 23 -1.01 5.41 -19.15
C LEU B 23 -0.61 6.27 -17.96
N ILE B 24 -1.23 7.44 -17.84
CA ILE B 24 -0.95 8.33 -16.71
C ILE B 24 -2.24 8.49 -15.93
N ASN B 25 -2.23 8.07 -14.67
CA ASN B 25 -3.41 8.20 -13.81
C ASN B 25 -3.20 9.48 -13.01
N THR B 26 -3.99 10.51 -13.33
CA THR B 26 -3.83 11.79 -12.64
C THR B 26 -4.29 11.78 -11.19
N ALA B 27 -4.83 10.65 -10.73
CA ALA B 27 -5.28 10.56 -9.35
C ALA B 27 -4.09 10.56 -8.39
N ASP B 28 -2.98 9.96 -8.84
CA ASP B 28 -1.76 9.86 -8.03
C ASP B 28 -0.50 9.94 -8.89
N ASN B 29 -0.66 10.26 -10.16
CA ASN B 29 0.44 10.36 -11.11
C ASN B 29 1.14 9.03 -11.38
N SER B 30 0.52 7.92 -11.01
CA SER B 30 1.12 6.62 -11.28
C SER B 30 1.11 6.39 -12.78
N GLN B 31 1.96 5.49 -13.26
CA GLN B 31 2.05 5.22 -14.69
C GLN B 31 2.10 3.73 -15.03
N VAL B 32 1.59 3.38 -16.21
CA VAL B 32 1.64 2.02 -16.70
C VAL B 32 2.42 2.15 -18.01
N LEU B 33 3.64 1.60 -18.03
CA LEU B 33 4.50 1.73 -19.20
C LEU B 33 4.87 0.44 -19.93
N TYR B 34 5.01 0.54 -21.25
CA TYR B 34 5.39 -0.58 -22.10
C TYR B 34 6.01 0.04 -23.34
N ARG B 35 7.33 -0.06 -23.47
CA ARG B 35 8.07 0.53 -24.57
C ARG B 35 7.70 2.01 -24.65
N ALA B 36 7.36 2.56 -23.49
CA ALA B 36 6.94 3.96 -23.36
C ALA B 36 7.97 4.99 -23.83
N ASP B 37 9.25 4.61 -23.84
CA ASP B 37 10.30 5.53 -24.29
C ASP B 37 10.74 5.26 -25.72
N GLU B 38 10.16 4.26 -26.36
CA GLU B 38 10.53 3.96 -27.75
C GLU B 38 9.81 4.92 -28.70
N ARG B 39 10.37 5.14 -29.87
CA ARG B 39 9.75 6.05 -30.84
C ARG B 39 8.83 5.30 -31.81
N PHE B 40 7.72 5.94 -32.16
CA PHE B 40 6.77 5.36 -33.10
C PHE B 40 6.36 6.51 -34.00
N ALA B 41 5.89 6.18 -35.20
CA ALA B 41 5.42 7.19 -36.13
C ALA B 41 4.07 7.64 -35.57
N MET B 42 3.87 8.95 -35.49
CA MET B 42 2.63 9.53 -34.95
C MET B 42 1.43 9.45 -35.87
N CYS B 43 1.68 9.41 -37.17
CA CYS B 43 0.61 9.40 -38.15
C CYS B 43 -0.23 10.66 -37.82
N SER B 44 -1.55 10.49 -37.87
CA SER B 44 -2.49 11.58 -37.62
C SER B 44 -2.64 12.06 -36.18
N THR B 45 -2.01 11.38 -35.22
CA THR B 45 -2.14 11.82 -33.85
C THR B 45 -1.38 13.13 -33.62
N SER B 46 -0.47 13.45 -34.53
CA SER B 46 0.29 14.68 -34.42
C SER B 46 -0.60 15.90 -34.69
N LYS B 47 -1.81 15.66 -35.18
CA LYS B 47 -2.75 16.75 -35.46
C LYS B 47 -3.24 17.43 -34.19
N VAL B 48 -3.08 16.77 -33.05
CA VAL B 48 -3.50 17.35 -31.78
C VAL B 48 -2.51 18.47 -31.43
N MET B 49 -1.23 18.14 -31.42
CA MET B 49 -0.20 19.12 -31.10
C MET B 49 -0.29 20.30 -32.07
N THR B 50 -0.72 20.02 -33.29
CA THR B 50 -0.86 21.04 -34.33
C THR B 50 -2.05 21.98 -34.09
N ALA B 51 -3.19 21.42 -33.71
CA ALA B 51 -4.36 22.25 -33.45
C ALA B 51 -4.16 23.05 -32.17
N ALA B 52 -3.41 22.48 -31.22
CA ALA B 52 -3.14 23.16 -29.96
C ALA B 52 -2.24 24.37 -30.21
N ALA B 53 -1.29 24.22 -31.13
CA ALA B 53 -0.38 25.31 -31.48
C ALA B 53 -1.19 26.50 -31.96
N VAL B 54 -2.24 26.23 -32.72
CA VAL B 54 -3.11 27.27 -33.24
C VAL B 54 -3.89 27.89 -32.07
N LEU B 55 -4.41 27.04 -31.20
CA LEU B 55 -5.15 27.50 -30.04
C LEU B 55 -4.26 28.42 -29.19
N LYS B 56 -2.98 28.07 -29.05
CA LYS B 56 -2.05 28.87 -28.26
C LYS B 56 -1.99 30.29 -28.83
N GLN B 57 -1.85 30.40 -30.15
CA GLN B 57 -1.80 31.69 -30.80
C GLN B 57 -3.01 32.56 -30.42
N SER B 58 -4.18 31.93 -30.37
CA SER B 58 -5.41 32.65 -30.05
C SER B 58 -5.41 33.29 -28.66
N GLU B 59 -4.51 32.85 -27.80
CA GLU B 59 -4.41 33.40 -26.46
C GLU B 59 -3.83 34.81 -26.53
N THR B 60 -3.06 35.08 -27.59
CA THR B 60 -2.43 36.37 -27.79
C THR B 60 -3.11 37.20 -28.87
N HIS B 61 -3.35 36.59 -30.03
CA HIS B 61 -3.99 37.29 -31.13
C HIS B 61 -5.50 37.07 -31.14
N ASP B 62 -6.21 38.07 -30.66
CA ASP B 62 -7.67 38.02 -30.56
C ASP B 62 -8.36 37.72 -31.88
N GLY B 63 -9.35 36.82 -31.80
CA GLY B 63 -10.13 36.45 -32.97
C GLY B 63 -9.38 35.80 -34.12
N ILE B 64 -8.19 35.28 -33.89
CA ILE B 64 -7.43 34.65 -34.95
C ILE B 64 -8.11 33.37 -35.41
N LEU B 65 -8.89 32.75 -34.52
CA LEU B 65 -9.60 31.51 -34.86
C LEU B 65 -10.59 31.73 -35.99
N GLN B 66 -10.98 32.98 -36.21
CA GLN B 66 -11.93 33.33 -37.27
C GLN B 66 -11.22 33.79 -38.54
N GLN B 67 -9.90 33.67 -38.58
CA GLN B 67 -9.17 34.08 -39.78
C GLN B 67 -9.48 33.07 -40.87
N LYS B 68 -9.70 33.57 -42.08
CA LYS B 68 -10.05 32.72 -43.20
C LYS B 68 -8.91 32.25 -44.10
N MET B 69 -9.08 31.07 -44.68
CA MET B 69 -8.12 30.48 -45.60
C MET B 69 -8.93 29.91 -46.77
N THR B 70 -8.51 30.21 -47.98
CA THR B 70 -9.22 29.71 -49.15
C THR B 70 -8.91 28.23 -49.38
N ILE B 71 -9.94 27.48 -49.76
CA ILE B 71 -9.78 26.06 -50.04
C ILE B 71 -9.83 25.92 -51.56
N LYS B 72 -8.75 25.46 -52.15
CA LYS B 72 -8.70 25.30 -53.60
C LYS B 72 -8.52 23.84 -54.01
N LYS B 73 -8.99 23.51 -55.20
CA LYS B 73 -8.88 22.16 -55.73
C LYS B 73 -7.44 21.66 -55.57
N ALA B 74 -6.48 22.52 -55.89
CA ALA B 74 -5.07 22.17 -55.80
C ALA B 74 -4.58 21.91 -54.37
N ASP B 75 -5.41 22.24 -53.38
CA ASP B 75 -5.03 22.03 -51.98
C ASP B 75 -5.38 20.63 -51.51
N LEU B 76 -6.41 20.02 -52.11
CA LEU B 76 -6.85 18.69 -51.73
C LEU B 76 -5.75 17.62 -51.74
N THR B 77 -5.96 16.58 -50.94
CA THR B 77 -5.02 15.48 -50.81
C THR B 77 -5.71 14.12 -50.98
N ASN B 78 -5.26 13.13 -50.24
CA ASN B 78 -5.84 11.79 -50.31
C ASN B 78 -6.92 11.58 -49.25
N TRP B 79 -7.36 12.65 -48.61
CA TRP B 79 -8.38 12.54 -47.57
C TRP B 79 -8.89 13.93 -47.22
N ASN B 80 -10.08 14.26 -47.72
CA ASN B 80 -10.66 15.59 -47.50
C ASN B 80 -12.17 15.51 -47.23
N PRO B 81 -12.57 14.75 -46.21
CA PRO B 81 -14.01 14.63 -45.90
C PRO B 81 -14.75 15.94 -45.66
N VAL B 82 -14.03 16.99 -45.30
CA VAL B 82 -14.65 18.28 -45.04
C VAL B 82 -14.24 19.34 -46.06
N THR B 83 -12.94 19.49 -46.25
CA THR B 83 -12.42 20.49 -47.18
C THR B 83 -12.91 20.34 -48.61
N GLU B 84 -13.18 19.11 -49.04
CA GLU B 84 -13.66 18.88 -50.41
C GLU B 84 -15.00 19.56 -50.64
N LYS B 85 -15.72 19.84 -49.56
CA LYS B 85 -17.02 20.49 -49.65
C LYS B 85 -16.87 22.01 -49.67
N TYR B 86 -15.64 22.49 -49.47
CA TYR B 86 -15.39 23.93 -49.45
C TYR B 86 -14.55 24.47 -50.59
N VAL B 87 -14.19 23.63 -51.55
CA VAL B 87 -13.39 24.09 -52.68
C VAL B 87 -14.09 25.30 -53.30
N GLY B 88 -13.33 26.36 -53.56
CA GLY B 88 -13.90 27.55 -54.14
C GLY B 88 -14.51 28.44 -53.07
N ASN B 89 -14.21 28.12 -51.81
CA ASN B 89 -14.72 28.88 -50.68
C ASN B 89 -13.63 28.95 -49.61
N THR B 90 -13.95 29.54 -48.45
CA THR B 90 -12.99 29.66 -47.36
C THR B 90 -13.44 28.97 -46.08
N MET B 91 -12.48 28.71 -45.20
CA MET B 91 -12.75 28.09 -43.91
C MET B 91 -11.91 28.84 -42.89
N THR B 92 -12.45 28.99 -41.68
CA THR B 92 -11.71 29.66 -40.61
C THR B 92 -10.75 28.67 -39.97
N LEU B 93 -9.77 29.16 -39.25
CA LEU B 93 -8.81 28.29 -38.57
C LEU B 93 -9.55 27.35 -37.62
N ALA B 94 -10.66 27.84 -37.05
CA ALA B 94 -11.45 27.04 -36.13
C ALA B 94 -12.05 25.85 -36.87
N GLU B 95 -12.76 26.13 -37.95
CA GLU B 95 -13.40 25.09 -38.76
C GLU B 95 -12.37 24.09 -39.24
N LEU B 96 -11.20 24.60 -39.62
CA LEU B 96 -10.11 23.77 -40.08
C LEU B 96 -9.60 22.88 -38.95
N SER B 97 -9.51 23.43 -37.76
CA SER B 97 -9.06 22.67 -36.59
C SER B 97 -10.05 21.55 -36.28
N ALA B 98 -11.33 21.88 -36.32
CA ALA B 98 -12.39 20.91 -36.05
C ALA B 98 -12.36 19.78 -37.09
N ALA B 99 -12.17 20.15 -38.34
CA ALA B 99 -12.11 19.18 -39.43
C ALA B 99 -10.92 18.24 -39.30
N THR B 100 -9.76 18.80 -38.96
CA THR B 100 -8.56 17.96 -38.86
C THR B 100 -8.57 17.04 -37.63
N LEU B 101 -9.22 17.48 -36.55
CA LEU B 101 -9.28 16.67 -35.34
C LEU B 101 -10.42 15.64 -35.32
N GLN B 102 -11.60 16.04 -35.79
CA GLN B 102 -12.74 15.14 -35.74
C GLN B 102 -12.96 14.24 -36.96
N TYR B 103 -12.36 14.60 -38.10
CA TYR B 103 -12.48 13.79 -39.30
C TYR B 103 -11.11 13.45 -39.86
N SER B 104 -10.08 13.91 -39.17
CA SER B 104 -8.71 13.68 -39.57
C SER B 104 -8.45 14.16 -41.00
N ASP B 105 -9.09 15.27 -41.35
CA ASP B 105 -8.95 15.86 -42.68
C ASP B 105 -7.50 16.30 -42.96
N ASN B 106 -6.89 15.69 -43.98
CA ASN B 106 -5.51 15.98 -44.35
C ASN B 106 -5.28 17.39 -44.89
N THR B 107 -6.20 17.85 -45.74
CA THR B 107 -6.07 19.18 -46.32
C THR B 107 -6.17 20.24 -45.21
N ALA B 108 -7.08 20.03 -44.27
CA ALA B 108 -7.24 20.97 -43.15
C ALA B 108 -5.93 21.02 -42.38
N MET B 109 -5.36 19.85 -42.12
CA MET B 109 -4.09 19.76 -41.39
C MET B 109 -3.02 20.57 -42.12
N ASN B 110 -2.85 20.32 -43.41
CA ASN B 110 -1.84 21.07 -44.17
C ASN B 110 -2.10 22.56 -44.11
N LYS B 111 -3.37 22.96 -44.09
CA LYS B 111 -3.70 24.38 -44.01
C LYS B 111 -3.20 24.95 -42.69
N LEU B 112 -3.44 24.23 -41.61
CA LEU B 112 -2.99 24.69 -40.29
C LEU B 112 -1.47 24.77 -40.29
N LEU B 113 -0.81 23.83 -40.96
CA LEU B 113 0.65 23.84 -41.03
C LEU B 113 1.14 25.07 -41.80
N ALA B 114 0.49 25.37 -42.91
CA ALA B 114 0.87 26.52 -43.70
C ALA B 114 0.67 27.77 -42.85
N HIS B 115 -0.45 27.84 -42.15
CA HIS B 115 -0.72 29.00 -41.30
C HIS B 115 0.36 29.16 -40.24
N LEU B 116 0.68 28.07 -39.56
CA LEU B 116 1.69 28.11 -38.50
C LEU B 116 3.11 28.35 -39.03
N GLY B 117 3.33 28.13 -40.31
CA GLY B 117 4.65 28.33 -40.88
C GLY B 117 5.43 27.04 -41.06
N GLY B 118 4.74 25.90 -40.93
CA GLY B 118 5.43 24.64 -41.13
C GLY B 118 5.54 23.73 -39.93
N PRO B 119 5.89 22.45 -40.17
CA PRO B 119 6.05 21.41 -39.15
C PRO B 119 7.00 21.82 -38.04
N GLY B 120 8.05 22.54 -38.41
CA GLY B 120 9.03 22.99 -37.43
C GLY B 120 8.43 23.84 -36.32
N ASN B 121 7.42 24.64 -36.65
CA ASN B 121 6.80 25.48 -35.65
C ASN B 121 5.87 24.67 -34.74
N VAL B 122 5.46 23.48 -35.20
CA VAL B 122 4.62 22.63 -34.37
C VAL B 122 5.56 21.97 -33.37
N THR B 123 6.74 21.60 -33.85
CA THR B 123 7.76 20.99 -33.02
C THR B 123 8.19 21.99 -31.93
N ALA B 124 8.34 23.26 -32.34
CA ALA B 124 8.73 24.33 -31.41
C ALA B 124 7.67 24.49 -30.32
N PHE B 125 6.39 24.34 -30.69
CA PHE B 125 5.31 24.45 -29.72
C PHE B 125 5.39 23.29 -28.72
N ALA B 126 5.70 22.09 -29.22
CA ALA B 126 5.81 20.92 -28.37
C ALA B 126 6.89 21.18 -27.32
N ARG B 127 8.01 21.73 -27.78
CA ARG B 127 9.10 22.03 -26.86
C ARG B 127 8.69 23.12 -25.86
N SER B 128 7.88 24.07 -26.29
CA SER B 128 7.43 25.13 -25.39
C SER B 128 6.57 24.56 -24.26
N ILE B 129 6.10 23.33 -24.40
CA ILE B 129 5.29 22.73 -23.31
C ILE B 129 6.04 21.59 -22.64
N GLY B 130 7.36 21.58 -22.79
CA GLY B 130 8.18 20.57 -22.15
C GLY B 130 8.41 19.25 -22.86
N ASP B 131 8.01 19.14 -24.11
CA ASP B 131 8.18 17.90 -24.86
C ASP B 131 9.40 18.00 -25.78
N THR B 132 10.48 17.32 -25.43
CA THR B 132 11.70 17.34 -26.24
C THR B 132 11.85 16.09 -27.10
N THR B 133 10.83 15.25 -27.12
CA THR B 133 10.87 14.01 -27.89
C THR B 133 10.13 14.18 -29.22
N PHE B 134 8.96 14.81 -29.14
CA PHE B 134 8.12 15.06 -30.31
C PHE B 134 8.86 15.79 -31.43
N ARG B 135 8.58 15.40 -32.67
CA ARG B 135 9.17 16.06 -33.82
C ARG B 135 8.31 15.88 -35.07
N LEU B 136 7.85 16.99 -35.66
CA LEU B 136 7.07 16.91 -36.89
C LEU B 136 7.99 17.41 -37.99
N ASP B 137 8.31 16.55 -38.95
CA ASP B 137 9.22 16.90 -40.02
C ASP B 137 8.59 17.19 -41.39
N ARG B 138 7.48 16.53 -41.70
CA ARG B 138 6.83 16.73 -42.99
C ARG B 138 5.35 17.08 -42.89
N LYS B 139 4.76 17.38 -44.05
CA LYS B 139 3.36 17.73 -44.15
C LYS B 139 2.56 16.52 -44.65
N GLU B 140 1.26 16.69 -44.83
CA GLU B 140 0.42 15.60 -45.33
C GLU B 140 0.67 15.49 -46.83
N PRO B 141 0.78 14.26 -47.35
CA PRO B 141 0.68 13.01 -46.61
C PRO B 141 2.02 12.30 -46.33
N GLU B 142 3.13 12.92 -46.72
CA GLU B 142 4.47 12.31 -46.54
C GLU B 142 4.80 11.93 -45.10
N LEU B 143 4.15 12.57 -44.13
CA LEU B 143 4.43 12.29 -42.73
C LEU B 143 3.90 10.94 -42.27
N ASN B 144 3.18 10.25 -43.16
CA ASN B 144 2.60 8.95 -42.82
C ASN B 144 3.38 7.73 -43.32
N THR B 145 4.60 7.94 -43.83
CA THR B 145 5.39 6.82 -44.35
C THR B 145 5.73 5.80 -43.27
N ALA B 146 5.87 6.25 -42.02
CA ALA B 146 6.16 5.39 -40.87
C ALA B 146 7.21 4.30 -41.11
N ILE B 147 8.34 4.68 -41.68
CA ILE B 147 9.40 3.72 -41.97
C ILE B 147 10.17 3.29 -40.72
N PRO B 148 10.31 1.97 -40.50
CA PRO B 148 11.03 1.46 -39.34
C PRO B 148 12.45 2.03 -39.25
N GLY B 149 12.80 2.53 -38.07
CA GLY B 149 14.13 3.09 -37.86
C GLY B 149 14.19 4.58 -38.16
N ASP B 150 13.24 5.07 -38.95
CA ASP B 150 13.17 6.48 -39.32
C ASP B 150 12.55 7.29 -38.20
N GLU B 151 13.29 8.27 -37.68
CA GLU B 151 12.80 9.07 -36.57
C GLU B 151 11.96 10.29 -36.95
N ARG B 152 11.86 10.59 -38.24
CA ARG B 152 11.04 11.72 -38.67
C ARG B 152 9.60 11.50 -38.24
N ASP B 153 8.90 12.57 -37.92
CA ASP B 153 7.50 12.51 -37.52
C ASP B 153 7.20 11.39 -36.51
N THR B 154 7.94 11.36 -35.42
CA THR B 154 7.76 10.35 -34.38
C THR B 154 7.79 10.94 -32.98
N THR B 155 7.44 10.12 -32.00
CA THR B 155 7.50 10.49 -30.60
C THR B 155 7.34 9.21 -29.78
N SER B 156 7.45 9.32 -28.47
CA SER B 156 7.30 8.14 -27.63
C SER B 156 5.92 8.19 -26.99
N PRO B 157 5.40 7.04 -26.56
CA PRO B 157 4.08 7.06 -25.94
C PRO B 157 4.06 7.96 -24.70
N LEU B 158 5.06 7.80 -23.83
CA LEU B 158 5.14 8.58 -22.60
C LEU B 158 5.22 10.09 -22.86
N ALA B 159 6.06 10.48 -23.82
CA ALA B 159 6.21 11.89 -24.14
C ALA B 159 4.90 12.48 -24.66
N MET B 160 4.19 11.72 -25.48
CA MET B 160 2.92 12.20 -26.02
C MET B 160 1.86 12.20 -24.92
N ALA B 161 1.93 11.22 -24.03
CA ALA B 161 0.97 11.13 -22.93
C ALA B 161 1.11 12.36 -22.03
N LYS B 162 2.34 12.74 -21.72
CA LYS B 162 2.58 13.90 -20.87
C LYS B 162 2.10 15.19 -21.54
N SER B 163 2.32 15.31 -22.84
CA SER B 163 1.89 16.51 -23.55
C SER B 163 0.37 16.62 -23.60
N LEU B 164 -0.30 15.51 -23.91
CA LEU B 164 -1.76 15.50 -23.97
C LEU B 164 -2.31 15.88 -22.60
N ARG B 165 -1.66 15.42 -21.55
CA ARG B 165 -2.12 15.76 -20.20
C ARG B 165 -2.01 17.26 -19.98
N LYS B 166 -0.85 17.82 -20.29
CA LYS B 166 -0.62 19.25 -20.10
C LYS B 166 -1.57 20.12 -20.92
N LEU B 167 -1.94 19.63 -22.11
CA LEU B 167 -2.83 20.36 -23.01
C LEU B 167 -4.30 20.31 -22.63
N THR B 168 -4.77 19.17 -22.13
CA THR B 168 -6.18 19.00 -21.77
C THR B 168 -6.53 19.16 -20.29
N LEU B 169 -5.56 18.94 -19.41
CA LEU B 169 -5.79 19.04 -17.97
C LEU B 169 -4.86 20.02 -17.26
N GLY B 170 -3.64 20.17 -17.78
CA GLY B 170 -2.66 21.07 -17.18
C GLY B 170 -2.71 22.49 -17.66
N ASP B 171 -1.59 23.21 -17.55
CA ASP B 171 -1.56 24.61 -17.96
C ASP B 171 -0.84 24.98 -19.26
N ALA B 172 -0.80 24.06 -20.22
CA ALA B 172 -0.16 24.35 -21.49
C ALA B 172 -0.97 25.41 -22.22
N LEU B 173 -2.29 25.35 -22.06
CA LEU B 173 -3.21 26.29 -22.71
C LEU B 173 -4.06 27.01 -21.68
N ALA B 174 -4.53 28.21 -22.04
CA ALA B 174 -5.38 28.99 -21.14
C ALA B 174 -6.76 28.34 -21.09
N GLY B 175 -7.58 28.77 -20.15
CA GLY B 175 -8.91 28.19 -19.98
C GLY B 175 -9.76 27.99 -21.22
N PRO B 176 -10.10 29.06 -21.94
CA PRO B 176 -10.94 28.93 -23.14
C PRO B 176 -10.35 27.98 -24.19
N GLN B 177 -9.08 28.18 -24.51
CA GLN B 177 -8.42 27.35 -25.51
C GLN B 177 -8.42 25.89 -25.08
N ARG B 178 -8.19 25.66 -23.79
CA ARG B 178 -8.15 24.30 -23.25
C ARG B 178 -9.51 23.59 -23.34
N ALA B 179 -10.58 24.31 -23.03
CA ALA B 179 -11.93 23.76 -23.07
C ALA B 179 -12.32 23.42 -24.51
N GLN B 180 -11.82 24.22 -25.45
CA GLN B 180 -12.11 24.00 -26.86
C GLN B 180 -11.42 22.73 -27.37
N LEU B 181 -10.18 22.50 -26.93
CA LEU B 181 -9.44 21.30 -27.34
C LEU B 181 -10.13 20.06 -26.81
N VAL B 182 -10.53 20.10 -25.55
CA VAL B 182 -11.22 18.97 -24.93
C VAL B 182 -12.51 18.69 -25.67
N ASP B 183 -13.27 19.75 -25.93
CA ASP B 183 -14.54 19.60 -26.63
C ASP B 183 -14.30 18.97 -28.01
N TRP B 184 -13.30 19.45 -28.73
CA TRP B 184 -12.99 18.90 -30.05
C TRP B 184 -12.63 17.43 -29.97
N LEU B 185 -11.80 17.08 -29.00
CA LEU B 185 -11.38 15.70 -28.81
C LEU B 185 -12.55 14.80 -28.48
N LYS B 186 -13.50 15.32 -27.69
CA LYS B 186 -14.67 14.54 -27.30
C LYS B 186 -15.59 14.31 -28.49
N GLY B 187 -15.51 15.18 -29.49
CA GLY B 187 -16.35 15.02 -30.66
C GLY B 187 -15.69 14.29 -31.82
N ASN B 188 -14.60 13.58 -31.56
CA ASN B 188 -13.93 12.84 -32.61
C ASN B 188 -14.89 11.76 -33.11
N THR B 189 -14.96 11.56 -34.43
CA THR B 189 -15.87 10.57 -35.00
C THR B 189 -15.17 9.32 -35.53
N THR B 190 -13.85 9.25 -35.41
CA THR B 190 -13.11 8.12 -35.95
C THR B 190 -12.53 7.14 -34.94
N GLY B 191 -12.83 7.32 -33.66
CA GLY B 191 -12.24 6.43 -32.66
C GLY B 191 -13.11 5.33 -32.06
N GLY B 192 -14.25 5.04 -32.67
CA GLY B 192 -15.15 4.02 -32.15
C GLY B 192 -14.58 2.62 -31.97
N GLN B 193 -13.67 2.23 -32.86
CA GLN B 193 -13.09 0.89 -32.78
C GLN B 193 -11.73 0.82 -32.08
N SER B 194 -11.26 1.94 -31.56
CA SER B 194 -9.96 1.96 -30.91
C SER B 194 -10.04 1.94 -29.39
N ILE B 195 -9.33 2.86 -28.74
CA ILE B 195 -9.33 2.94 -27.29
C ILE B 195 -10.73 2.90 -26.69
N ARG B 196 -11.68 3.57 -27.32
CA ARG B 196 -13.04 3.59 -26.81
C ARG B 196 -13.64 2.19 -26.70
N ALA B 197 -13.37 1.37 -27.70
CA ALA B 197 -13.89 0.00 -27.75
C ALA B 197 -13.49 -0.85 -26.54
N GLY B 198 -12.36 -0.54 -25.93
CA GLY B 198 -11.91 -1.32 -24.78
C GLY B 198 -12.27 -0.73 -23.43
N LEU B 199 -13.13 0.28 -23.41
CA LEU B 199 -13.51 0.93 -22.16
C LEU B 199 -15.01 0.86 -21.89
N PRO B 200 -15.41 1.02 -20.62
CA PRO B 200 -16.83 0.98 -20.26
C PRO B 200 -17.58 2.06 -21.05
N ALA B 201 -18.65 1.67 -21.72
CA ALA B 201 -19.43 2.58 -22.56
C ALA B 201 -19.84 3.93 -21.97
N HIS B 202 -19.98 4.03 -20.65
CA HIS B 202 -20.40 5.28 -20.04
C HIS B 202 -19.28 6.26 -19.69
N TRP B 203 -18.02 5.82 -19.83
CA TRP B 203 -16.89 6.70 -19.53
C TRP B 203 -16.84 7.81 -20.59
N VAL B 204 -16.36 8.99 -20.20
CA VAL B 204 -16.27 10.11 -21.13
C VAL B 204 -14.87 10.12 -21.72
N VAL B 205 -14.77 10.28 -23.03
CA VAL B 205 -13.48 10.22 -23.69
C VAL B 205 -13.31 11.22 -24.82
N GLY B 206 -12.09 11.74 -24.93
CA GLY B 206 -11.72 12.67 -25.97
C GLY B 206 -10.46 12.03 -26.55
N ASP B 207 -10.45 11.77 -27.85
CA ASP B 207 -9.27 11.13 -28.43
C ASP B 207 -8.99 11.56 -29.87
N LYS B 208 -7.86 11.09 -30.37
CA LYS B 208 -7.45 11.34 -31.76
C LYS B 208 -6.76 10.08 -32.20
N THR B 209 -7.33 9.43 -33.22
CA THR B 209 -6.77 8.20 -33.75
C THR B 209 -5.73 8.48 -34.84
N GLY B 210 -5.10 7.41 -35.29
CA GLY B 210 -4.09 7.53 -36.34
C GLY B 210 -3.94 6.20 -37.04
N ALA B 211 -3.82 6.25 -38.37
CA ALA B 211 -3.64 5.04 -39.16
C ALA B 211 -2.77 5.36 -40.37
N CYS B 212 -1.63 4.69 -40.46
CA CYS B 212 -0.76 4.93 -41.60
C CYS B 212 0.07 3.72 -42.02
N ASP B 213 1.06 3.92 -42.88
CA ASP B 213 1.87 2.80 -43.37
C ASP B 213 2.43 1.85 -42.30
N TYR B 214 2.85 0.67 -42.75
CA TYR B 214 3.38 -0.36 -41.87
C TYR B 214 2.34 -0.76 -40.82
N GLY B 215 1.09 -0.78 -41.24
CA GLY B 215 0.00 -1.15 -40.35
C GLY B 215 -0.04 -0.34 -39.08
N THR B 216 0.67 0.78 -39.07
CA THR B 216 0.71 1.66 -37.90
C THR B 216 -0.69 2.17 -37.53
N THR B 217 -1.13 1.78 -36.34
CA THR B 217 -2.46 2.12 -35.83
C THR B 217 -2.30 2.77 -34.45
N ASN B 218 -2.69 4.04 -34.34
CA ASN B 218 -2.53 4.75 -33.08
C ASN B 218 -3.79 5.40 -32.56
N ASP B 219 -3.70 5.86 -31.30
CA ASP B 219 -4.80 6.54 -30.63
C ASP B 219 -4.28 7.11 -29.32
N ILE B 220 -4.62 8.36 -29.03
CA ILE B 220 -4.21 8.97 -27.79
C ILE B 220 -5.49 9.52 -27.17
N ALA B 221 -5.65 9.32 -25.87
CA ALA B 221 -6.89 9.78 -25.26
C ALA B 221 -6.79 10.26 -23.82
N VAL B 222 -7.77 11.07 -23.43
CA VAL B 222 -7.94 11.55 -22.06
C VAL B 222 -9.25 10.90 -21.66
N ILE B 223 -9.22 10.14 -20.58
CA ILE B 223 -10.41 9.42 -20.13
C ILE B 223 -10.93 9.80 -18.76
N TRP B 224 -12.24 10.00 -18.67
CA TRP B 224 -12.91 10.35 -17.42
C TRP B 224 -13.80 9.17 -16.99
N PRO B 225 -13.29 8.33 -16.07
CA PRO B 225 -14.02 7.17 -15.55
C PRO B 225 -15.01 7.58 -14.48
N GLU B 226 -16.28 7.69 -14.86
CA GLU B 226 -17.33 8.11 -13.95
C GLU B 226 -16.90 9.41 -13.27
N ASP B 227 -16.88 9.42 -11.94
CA ASP B 227 -16.49 10.63 -11.20
C ASP B 227 -15.09 10.57 -10.62
N ARG B 228 -14.25 9.66 -11.12
CA ARG B 228 -12.89 9.56 -10.60
C ARG B 228 -11.91 10.36 -11.48
N ALA B 229 -10.70 10.57 -10.97
CA ALA B 229 -9.68 11.35 -11.68
C ALA B 229 -9.40 10.81 -13.08
N PRO B 230 -9.31 11.70 -14.08
CA PRO B 230 -9.04 11.31 -15.46
C PRO B 230 -7.72 10.57 -15.70
N LEU B 231 -7.73 9.76 -16.75
CA LEU B 231 -6.57 8.98 -17.14
C LEU B 231 -6.14 9.52 -18.49
N VAL B 232 -4.85 9.44 -18.78
CA VAL B 232 -4.32 9.88 -20.06
C VAL B 232 -3.64 8.65 -20.63
N LEU B 233 -4.13 8.20 -21.79
CA LEU B 233 -3.60 7.01 -22.41
C LEU B 233 -3.16 7.16 -23.85
N VAL B 234 -2.00 6.58 -24.16
CA VAL B 234 -1.47 6.60 -25.51
C VAL B 234 -1.16 5.16 -25.90
N THR B 235 -1.72 4.70 -27.00
CA THR B 235 -1.46 3.35 -27.47
C THR B 235 -0.98 3.44 -28.91
N TYR B 236 0.29 3.08 -29.11
CA TYR B 236 0.87 3.09 -30.44
C TYR B 236 1.17 1.68 -30.91
N PHE B 237 0.88 1.39 -32.17
CA PHE B 237 1.14 0.05 -32.68
C PHE B 237 1.61 0.14 -34.12
N THR B 238 2.69 -0.58 -34.43
CA THR B 238 3.21 -0.60 -35.78
C THR B 238 3.64 -2.02 -36.14
N GLN B 239 3.60 -2.36 -37.43
CA GLN B 239 3.94 -3.71 -37.87
C GLN B 239 5.14 -3.82 -38.82
N PRO B 240 5.62 -5.05 -39.08
CA PRO B 240 6.77 -5.34 -39.96
C PRO B 240 6.56 -5.09 -41.45
N GLN B 241 5.35 -5.36 -41.94
CA GLN B 241 5.05 -5.19 -43.37
C GLN B 241 4.59 -3.78 -43.72
N GLN B 242 5.12 -3.26 -44.81
CA GLN B 242 4.77 -1.91 -45.27
C GLN B 242 3.29 -1.78 -45.57
N ASP B 243 2.69 -2.85 -46.09
CA ASP B 243 1.29 -2.83 -46.45
C ASP B 243 0.36 -3.53 -45.47
N ALA B 244 0.82 -3.71 -44.23
CA ALA B 244 0.01 -4.37 -43.20
C ALA B 244 -1.30 -3.63 -43.02
N LYS B 245 -2.36 -4.37 -42.72
CA LYS B 245 -3.66 -3.76 -42.49
C LYS B 245 -3.70 -3.29 -41.05
N TRP B 246 -4.50 -2.27 -40.78
CA TRP B 246 -4.59 -1.71 -39.43
C TRP B 246 -5.21 -2.65 -38.40
N ARG B 247 -4.78 -2.50 -37.15
CA ARG B 247 -5.27 -3.34 -36.05
C ARG B 247 -5.80 -2.50 -34.91
N LYS B 248 -6.93 -1.83 -35.13
CA LYS B 248 -7.55 -1.01 -34.11
C LYS B 248 -7.92 -1.86 -32.91
N ASP B 249 -8.23 -3.13 -33.17
CA ASP B 249 -8.62 -4.06 -32.11
C ASP B 249 -7.49 -4.26 -31.09
N VAL B 250 -6.24 -4.16 -31.54
CA VAL B 250 -5.11 -4.30 -30.64
C VAL B 250 -5.05 -3.13 -29.66
N LEU B 251 -5.50 -1.96 -30.11
CA LEU B 251 -5.50 -0.76 -29.25
C LEU B 251 -6.62 -0.90 -28.22
N ALA B 252 -7.75 -1.45 -28.65
CA ALA B 252 -8.89 -1.64 -27.76
C ALA B 252 -8.46 -2.59 -26.65
N ALA B 253 -7.78 -3.67 -27.04
CA ALA B 253 -7.31 -4.66 -26.09
C ALA B 253 -6.30 -4.11 -25.08
N ALA B 254 -5.35 -3.31 -25.55
CA ALA B 254 -4.36 -2.73 -24.66
C ALA B 254 -5.09 -1.82 -23.66
N ALA B 255 -6.04 -1.04 -24.15
CA ALA B 255 -6.82 -0.13 -23.31
C ALA B 255 -7.58 -0.88 -22.20
N LYS B 256 -8.24 -1.97 -22.57
CA LYS B 256 -9.01 -2.79 -21.64
C LYS B 256 -8.11 -3.28 -20.51
N ILE B 257 -6.89 -3.68 -20.88
CA ILE B 257 -5.91 -4.18 -19.93
C ILE B 257 -5.40 -3.16 -18.92
N VAL B 258 -5.02 -1.97 -19.38
CA VAL B 258 -4.48 -0.96 -18.48
C VAL B 258 -5.46 -0.10 -17.70
N THR B 259 -6.73 -0.10 -18.11
CA THR B 259 -7.73 0.70 -17.41
C THR B 259 -8.61 -0.12 -16.49
N GLU B 260 -8.39 -1.44 -16.46
CA GLU B 260 -9.18 -2.33 -15.61
C GLU B 260 -9.00 -1.93 -14.14
N GLY B 261 -10.12 -1.80 -13.43
CA GLY B 261 -10.07 -1.43 -12.03
C GLY B 261 -9.79 0.04 -11.78
N LYS B 262 -10.04 0.89 -12.78
CA LYS B 262 -9.78 2.32 -12.65
C LYS B 262 -11.09 3.12 -12.61
N VAL C 1 11.17 -11.61 42.41
CA VAL C 1 11.41 -11.19 43.82
C VAL C 1 10.34 -10.20 44.26
N GLN C 2 10.31 -9.92 45.57
CA GLN C 2 9.35 -8.96 46.11
C GLN C 2 9.75 -7.57 45.65
N GLN C 3 11.04 -7.41 45.41
CA GLN C 3 11.60 -6.15 44.95
C GLN C 3 10.94 -5.76 43.62
N VAL C 4 10.76 -6.74 42.75
CA VAL C 4 10.13 -6.50 41.46
C VAL C 4 8.70 -6.03 41.71
N GLN C 5 8.03 -6.68 42.66
CA GLN C 5 6.66 -6.34 43.00
C GLN C 5 6.51 -4.95 43.61
N LYS C 6 7.44 -4.56 44.48
CA LYS C 6 7.35 -3.25 45.11
C LYS C 6 7.65 -2.15 44.08
N LYS C 7 8.58 -2.42 43.17
CA LYS C 7 8.92 -1.43 42.15
C LYS C 7 7.77 -1.21 41.17
N LEU C 8 7.06 -2.28 40.84
CA LEU C 8 5.91 -2.17 39.94
C LEU C 8 4.82 -1.35 40.62
N ALA C 9 4.54 -1.67 41.88
CA ALA C 9 3.53 -0.95 42.66
C ALA C 9 3.88 0.53 42.72
N ALA C 10 5.16 0.83 42.90
CA ALA C 10 5.64 2.21 42.96
C ALA C 10 5.42 2.89 41.60
N LEU C 11 5.81 2.22 40.53
CA LEU C 11 5.63 2.77 39.19
C LEU C 11 4.16 3.10 38.96
N GLU C 12 3.28 2.18 39.35
CA GLU C 12 1.84 2.40 39.19
C GLU C 12 1.37 3.64 39.94
N LYS C 13 1.81 3.78 41.18
CA LYS C 13 1.43 4.93 42.00
C LYS C 13 1.94 6.24 41.38
N GLN C 14 3.16 6.22 40.85
CA GLN C 14 3.76 7.40 40.24
C GLN C 14 3.08 7.80 38.93
N SER C 15 2.46 6.82 38.26
CA SER C 15 1.81 7.06 36.97
C SER C 15 0.39 7.63 37.06
N GLY C 16 -0.26 7.41 38.20
CA GLY C 16 -1.62 7.88 38.37
C GLY C 16 -2.65 6.98 37.70
N GLY C 17 -2.20 5.87 37.12
CA GLY C 17 -3.13 4.97 36.45
C GLY C 17 -3.16 3.56 36.98
N ARG C 18 -3.67 2.64 36.15
CA ARG C 18 -3.74 1.23 36.52
C ARG C 18 -2.82 0.43 35.61
N LEU C 19 -1.87 -0.28 36.22
CA LEU C 19 -0.89 -1.06 35.46
C LEU C 19 -1.12 -2.58 35.47
N GLY C 20 -1.03 -3.18 34.30
CA GLY C 20 -1.21 -4.62 34.17
C GLY C 20 0.01 -5.24 33.49
N VAL C 21 0.64 -6.19 34.18
CA VAL C 21 1.82 -6.85 33.63
C VAL C 21 1.82 -8.35 33.78
N ALA C 22 2.30 -9.02 32.73
CA ALA C 22 2.41 -10.46 32.69
C ALA C 22 3.67 -10.83 31.90
N LEU C 23 4.63 -11.44 32.59
CA LEU C 23 5.86 -11.87 31.95
C LEU C 23 5.96 -13.37 32.08
N ILE C 24 6.23 -14.04 30.96
CA ILE C 24 6.38 -15.49 30.97
C ILE C 24 7.76 -15.83 30.46
N ASN C 25 8.56 -16.46 31.32
CA ASN C 25 9.91 -16.85 30.95
C ASN C 25 9.81 -18.26 30.40
N THR C 26 10.01 -18.43 29.09
CA THR C 26 9.90 -19.76 28.50
C THR C 26 11.02 -20.69 28.88
N ALA C 27 12.00 -20.22 29.63
CA ALA C 27 13.11 -21.08 30.04
C ALA C 27 12.67 -22.05 31.13
N ASP C 28 11.76 -21.59 32.00
CA ASP C 28 11.27 -22.40 33.11
C ASP C 28 9.76 -22.26 33.31
N ASN C 29 9.14 -21.49 32.43
CA ASN C 29 7.70 -21.25 32.50
C ASN C 29 7.27 -20.43 33.72
N SER C 30 8.23 -19.78 34.36
CA SER C 30 7.90 -18.94 35.51
C SER C 30 7.18 -17.71 35.00
N GLN C 31 6.50 -17.00 35.91
CA GLN C 31 5.74 -15.81 35.54
C GLN C 31 5.88 -14.69 36.54
N VAL C 32 5.85 -13.46 36.06
CA VAL C 32 5.89 -12.28 36.93
C VAL C 32 4.53 -11.63 36.66
N LEU C 33 3.73 -11.47 37.70
CA LEU C 33 2.40 -10.91 37.53
C LEU C 33 2.08 -9.69 38.39
N TYR C 34 1.26 -8.80 37.83
CA TYR C 34 0.80 -7.60 38.50
C TYR C 34 -0.55 -7.29 37.83
N ARG C 35 -1.64 -7.54 38.57
CA ARG C 35 -2.99 -7.34 38.05
C ARG C 35 -3.14 -8.13 36.76
N ALA C 36 -2.42 -9.25 36.68
CA ALA C 36 -2.43 -10.10 35.49
C ALA C 36 -3.79 -10.68 35.12
N ASP C 37 -4.69 -10.77 36.09
CA ASP C 37 -6.02 -11.31 35.82
C ASP C 37 -7.11 -10.27 35.64
N GLU C 38 -6.75 -8.98 35.72
CA GLU C 38 -7.72 -7.92 35.52
C GLU C 38 -7.88 -7.65 34.03
N ARG C 39 -9.05 -7.13 33.64
CA ARG C 39 -9.30 -6.83 32.23
C ARG C 39 -8.86 -5.42 31.89
N PHE C 40 -8.34 -5.25 30.68
CA PHE C 40 -7.91 -3.94 30.18
C PHE C 40 -8.38 -3.87 28.73
N ALA C 41 -8.67 -2.68 28.24
CA ALA C 41 -9.07 -2.52 26.85
C ALA C 41 -7.81 -2.79 26.02
N MET C 42 -7.90 -3.71 25.06
CA MET C 42 -6.76 -4.07 24.21
C MET C 42 -6.31 -3.01 23.21
N CYS C 43 -7.19 -2.08 22.86
CA CYS C 43 -6.88 -1.07 21.86
C CYS C 43 -6.39 -1.85 20.63
N SER C 44 -5.33 -1.36 20.00
CA SER C 44 -4.79 -1.97 18.78
C SER C 44 -4.08 -3.32 18.93
N THR C 45 -3.78 -3.71 20.17
CA THR C 45 -3.09 -4.97 20.38
C THR C 45 -3.93 -6.17 19.95
N SER C 46 -5.23 -5.96 19.78
CA SER C 46 -6.10 -7.05 19.36
C SER C 46 -5.85 -7.39 17.89
N LYS C 47 -5.11 -6.53 17.20
CA LYS C 47 -4.78 -6.75 15.79
C LYS C 47 -3.90 -7.97 15.59
N VAL C 48 -3.18 -8.38 16.64
CA VAL C 48 -2.33 -9.56 16.56
C VAL C 48 -3.18 -10.82 16.46
N MET C 49 -4.28 -10.85 17.19
CA MET C 49 -5.19 -11.99 17.17
C MET C 49 -5.94 -12.03 15.84
N THR C 50 -6.23 -10.85 15.29
CA THR C 50 -6.95 -10.75 14.03
C THR C 50 -6.09 -11.20 12.85
N ALA C 51 -4.82 -10.80 12.85
CA ALA C 51 -3.92 -11.19 11.78
C ALA C 51 -3.64 -12.69 11.88
N ALA C 52 -3.60 -13.20 13.10
CA ALA C 52 -3.34 -14.61 13.31
C ALA C 52 -4.50 -15.44 12.77
N ALA C 53 -5.72 -14.93 12.93
CA ALA C 53 -6.92 -15.62 12.45
C ALA C 53 -6.85 -15.80 10.94
N VAL C 54 -6.28 -14.81 10.25
CA VAL C 54 -6.15 -14.89 8.80
C VAL C 54 -5.09 -15.94 8.44
N LEU C 55 -3.98 -15.96 9.19
CA LEU C 55 -2.91 -16.92 8.97
C LEU C 55 -3.42 -18.33 9.21
N LYS C 56 -4.28 -18.50 10.20
CA LYS C 56 -4.82 -19.82 10.49
C LYS C 56 -5.59 -20.30 9.27
N GLN C 57 -6.36 -19.41 8.64
CA GLN C 57 -7.12 -19.76 7.45
C GLN C 57 -6.22 -20.24 6.33
N SER C 58 -5.12 -19.54 6.11
CA SER C 58 -4.19 -19.90 5.05
C SER C 58 -3.68 -21.31 5.20
N GLU C 59 -3.84 -21.89 6.40
CA GLU C 59 -3.39 -23.25 6.67
C GLU C 59 -4.24 -24.27 5.93
N THR C 60 -5.48 -23.90 5.66
CA THR C 60 -6.41 -24.78 4.96
C THR C 60 -6.65 -24.29 3.53
N HIS C 61 -6.88 -22.99 3.38
CA HIS C 61 -7.13 -22.40 2.08
C HIS C 61 -5.84 -21.88 1.45
N ASP C 62 -5.27 -22.71 0.59
CA ASP C 62 -4.02 -22.40 -0.09
C ASP C 62 -4.07 -21.09 -0.87
N GLY C 63 -3.04 -20.27 -0.70
CA GLY C 63 -2.95 -19.00 -1.40
C GLY C 63 -3.92 -17.91 -0.99
N ILE C 64 -4.73 -18.15 0.05
CA ILE C 64 -5.70 -17.14 0.46
C ILE C 64 -5.03 -15.80 0.83
N LEU C 65 -3.80 -15.85 1.29
CA LEU C 65 -3.08 -14.63 1.65
C LEU C 65 -2.89 -13.70 0.46
N GLN C 66 -3.04 -14.25 -0.75
CA GLN C 66 -2.90 -13.48 -1.97
C GLN C 66 -4.23 -12.92 -2.49
N GLN C 67 -5.33 -13.34 -1.85
CA GLN C 67 -6.65 -12.86 -2.25
C GLN C 67 -6.63 -11.33 -2.13
N LYS C 68 -7.30 -10.66 -3.05
CA LYS C 68 -7.32 -9.20 -3.07
C LYS C 68 -8.59 -8.57 -2.52
N MET C 69 -8.44 -7.35 -2.01
CA MET C 69 -9.56 -6.59 -1.48
C MET C 69 -9.43 -5.16 -1.99
N THR C 70 -10.56 -4.55 -2.33
CA THR C 70 -10.55 -3.20 -2.84
C THR C 70 -10.49 -2.17 -1.73
N ILE C 71 -9.75 -1.10 -1.97
CA ILE C 71 -9.61 -0.02 -1.00
C ILE C 71 -10.19 1.25 -1.62
N LYS C 72 -11.35 1.66 -1.12
CA LYS C 72 -11.99 2.87 -1.65
C LYS C 72 -12.10 3.93 -0.57
N LYS C 73 -12.25 5.19 -1.01
CA LYS C 73 -12.36 6.32 -0.08
C LYS C 73 -13.31 6.03 1.07
N ALA C 74 -14.36 5.26 0.80
CA ALA C 74 -15.36 4.93 1.80
C ALA C 74 -14.85 4.01 2.91
N ASP C 75 -13.75 3.30 2.67
CA ASP C 75 -13.20 2.41 3.69
C ASP C 75 -12.33 3.16 4.69
N LEU C 76 -11.61 4.16 4.19
CA LEU C 76 -10.70 4.95 5.01
C LEU C 76 -11.28 5.36 6.36
N THR C 77 -10.43 5.37 7.37
CA THR C 77 -10.83 5.73 8.73
C THR C 77 -10.00 6.91 9.24
N ASN C 78 -9.80 6.97 10.56
CA ASN C 78 -9.03 8.05 11.17
C ASN C 78 -7.53 7.78 11.19
N TRP C 79 -7.11 6.63 10.70
CA TRP C 79 -5.70 6.26 10.65
C TRP C 79 -5.45 5.29 9.52
N ASN C 80 -4.77 5.77 8.47
CA ASN C 80 -4.50 4.93 7.30
C ASN C 80 -3.09 5.20 6.76
N PRO C 81 -2.06 4.84 7.52
CA PRO C 81 -0.68 5.07 7.06
C PRO C 81 -0.32 4.36 5.75
N VAL C 82 -0.96 3.23 5.50
CA VAL C 82 -0.68 2.47 4.28
C VAL C 82 -1.83 2.46 3.29
N THR C 83 -3.04 2.16 3.77
CA THR C 83 -4.21 2.08 2.91
C THR C 83 -4.51 3.29 2.04
N GLU C 84 -4.21 4.50 2.52
CA GLU C 84 -4.47 5.71 1.73
C GLU C 84 -3.60 5.74 0.48
N LYS C 85 -2.55 4.92 0.46
CA LYS C 85 -1.66 4.85 -0.68
C LYS C 85 -2.20 3.86 -1.69
N TYR C 86 -3.30 3.21 -1.34
CA TYR C 86 -3.91 2.21 -2.22
C TYR C 86 -5.35 2.51 -2.61
N VAL C 87 -5.90 3.63 -2.14
CA VAL C 87 -7.29 3.97 -2.46
C VAL C 87 -7.51 3.95 -3.96
N GLY C 88 -8.53 3.22 -4.39
CA GLY C 88 -8.83 3.11 -5.82
C GLY C 88 -8.05 1.97 -6.43
N ASN C 89 -7.42 1.17 -5.55
CA ASN C 89 -6.62 0.03 -5.97
C ASN C 89 -6.98 -1.18 -5.12
N THR C 90 -6.06 -2.14 -5.03
CA THR C 90 -6.29 -3.36 -4.26
C THR C 90 -5.08 -3.73 -3.42
N MET C 91 -5.34 -4.47 -2.35
CA MET C 91 -4.31 -4.95 -1.43
C MET C 91 -4.63 -6.41 -1.10
N THR C 92 -3.60 -7.23 -0.97
CA THR C 92 -3.80 -8.64 -0.64
C THR C 92 -3.95 -8.75 0.88
N LEU C 93 -4.46 -9.89 1.35
CA LEU C 93 -4.63 -10.11 2.77
C LEU C 93 -3.28 -10.06 3.48
N ALA C 94 -2.24 -10.44 2.76
CA ALA C 94 -0.89 -10.42 3.31
C ALA C 94 -0.45 -8.97 3.53
N GLU C 95 -0.73 -8.12 2.54
CA GLU C 95 -0.36 -6.70 2.61
C GLU C 95 -1.16 -5.99 3.70
N LEU C 96 -2.45 -6.34 3.78
CA LEU C 96 -3.32 -5.75 4.78
C LEU C 96 -2.88 -6.16 6.19
N SER C 97 -2.45 -7.40 6.34
CA SER C 97 -1.99 -7.89 7.64
C SER C 97 -0.71 -7.17 8.07
N ALA C 98 0.24 -7.03 7.15
CA ALA C 98 1.50 -6.36 7.43
C ALA C 98 1.27 -4.88 7.78
N ALA C 99 0.30 -4.27 7.10
CA ALA C 99 -0.02 -2.88 7.32
C ALA C 99 -0.67 -2.67 8.70
N THR C 100 -1.56 -3.58 9.07
CA THR C 100 -2.24 -3.48 10.35
C THR C 100 -1.33 -3.78 11.54
N LEU C 101 -0.34 -4.64 11.34
CA LEU C 101 0.56 -4.99 12.43
C LEU C 101 1.79 -4.07 12.57
N GLN C 102 2.33 -3.61 11.45
CA GLN C 102 3.52 -2.77 11.46
C GLN C 102 3.30 -1.27 11.46
N TYR C 103 2.06 -0.84 11.20
CA TYR C 103 1.74 0.59 11.19
C TYR C 103 0.42 0.82 11.92
N SER C 104 -0.17 -0.28 12.39
CA SER C 104 -1.44 -0.24 13.11
C SER C 104 -2.52 0.42 12.26
N ASP C 105 -2.47 0.17 10.95
CA ASP C 105 -3.44 0.71 10.00
C ASP C 105 -4.87 0.29 10.34
N ASN C 106 -5.67 1.23 10.83
CA ASN C 106 -7.06 0.98 11.22
C ASN C 106 -7.96 0.48 10.10
N THR C 107 -7.72 0.95 8.89
CA THR C 107 -8.53 0.52 7.76
C THR C 107 -8.18 -0.90 7.36
N ALA C 108 -6.90 -1.26 7.47
CA ALA C 108 -6.46 -2.61 7.14
C ALA C 108 -7.09 -3.57 8.16
N MET C 109 -7.19 -3.13 9.41
CA MET C 109 -7.80 -3.93 10.47
C MET C 109 -9.25 -4.21 10.10
N ASN C 110 -9.96 -3.17 9.70
CA ASN C 110 -11.36 -3.31 9.31
C ASN C 110 -11.51 -4.22 8.10
N LYS C 111 -10.57 -4.13 7.16
CA LYS C 111 -10.63 -4.98 5.97
C LYS C 111 -10.49 -6.43 6.42
N LEU C 112 -9.57 -6.69 7.34
CA LEU C 112 -9.38 -8.06 7.80
C LEU C 112 -10.60 -8.57 8.57
N LEU C 113 -11.24 -7.69 9.35
CA LEU C 113 -12.43 -8.07 10.10
C LEU C 113 -13.55 -8.36 9.12
N ALA C 114 -13.62 -7.54 8.06
CA ALA C 114 -14.62 -7.72 7.03
C ALA C 114 -14.39 -9.07 6.36
N HIS C 115 -13.14 -9.37 6.01
CA HIS C 115 -12.85 -10.64 5.37
C HIS C 115 -13.18 -11.81 6.28
N LEU C 116 -12.85 -11.68 7.56
CA LEU C 116 -13.11 -12.74 8.51
C LEU C 116 -14.57 -12.92 8.89
N GLY C 117 -15.39 -11.88 8.69
CA GLY C 117 -16.79 -12.02 9.03
C GLY C 117 -17.19 -11.38 10.35
N GLY C 118 -16.39 -10.43 10.82
CA GLY C 118 -16.72 -9.74 12.06
C GLY C 118 -15.82 -10.04 13.24
N PRO C 119 -15.83 -9.18 14.28
CA PRO C 119 -15.02 -9.34 15.50
C PRO C 119 -15.31 -10.66 16.20
N GLY C 120 -16.56 -11.10 16.11
CA GLY C 120 -16.96 -12.36 16.72
C GLY C 120 -16.11 -13.52 16.23
N ASN C 121 -15.78 -13.53 14.94
CA ASN C 121 -14.96 -14.61 14.40
C ASN C 121 -13.50 -14.49 14.83
N VAL C 122 -13.11 -13.33 15.36
CA VAL C 122 -11.75 -13.18 15.85
C VAL C 122 -11.74 -13.77 17.26
N THR C 123 -12.83 -13.52 18.00
CA THR C 123 -12.97 -14.04 19.35
C THR C 123 -13.06 -15.57 19.28
N ALA C 124 -13.77 -16.08 18.28
CA ALA C 124 -13.89 -17.52 18.11
C ALA C 124 -12.49 -18.11 17.87
N PHE C 125 -11.66 -17.38 17.13
CA PHE C 125 -10.30 -17.87 16.90
C PHE C 125 -9.55 -17.88 18.22
N ALA C 126 -9.74 -16.84 19.02
CA ALA C 126 -9.07 -16.76 20.31
C ALA C 126 -9.44 -17.99 21.14
N ARG C 127 -10.72 -18.32 21.14
CA ARG C 127 -11.13 -19.48 21.89
C ARG C 127 -10.57 -20.77 21.32
N SER C 128 -10.37 -20.82 20.01
CA SER C 128 -9.81 -22.03 19.40
C SER C 128 -8.37 -22.28 19.84
N ILE C 129 -7.70 -21.27 20.40
CA ILE C 129 -6.32 -21.48 20.87
C ILE C 129 -6.23 -21.54 22.40
N GLY C 130 -7.38 -21.69 23.05
CA GLY C 130 -7.40 -21.80 24.50
C GLY C 130 -7.60 -20.52 25.30
N ASP C 131 -7.85 -19.41 24.61
CA ASP C 131 -8.05 -18.14 25.29
C ASP C 131 -9.53 -17.85 25.51
N THR C 132 -10.01 -17.95 26.75
CA THR C 132 -11.41 -17.71 27.02
C THR C 132 -11.66 -16.36 27.67
N THR C 133 -10.63 -15.51 27.68
CA THR C 133 -10.74 -14.18 28.28
C THR C 133 -10.90 -13.12 27.18
N PHE C 134 -10.15 -13.31 26.10
CA PHE C 134 -10.19 -12.39 24.95
C PHE C 134 -11.60 -12.25 24.39
N ARG C 135 -11.95 -11.04 23.98
CA ARG C 135 -13.24 -10.77 23.36
C ARG C 135 -13.16 -9.50 22.52
N LEU C 136 -13.55 -9.60 21.26
CA LEU C 136 -13.54 -8.46 20.35
C LEU C 136 -14.98 -8.23 19.93
N ASP C 137 -15.54 -7.08 20.31
CA ASP C 137 -16.94 -6.78 20.04
C ASP C 137 -17.18 -5.76 18.94
N ARG C 138 -16.20 -4.91 18.67
CA ARG C 138 -16.40 -3.86 17.68
C ARG C 138 -15.23 -3.72 16.72
N LYS C 139 -15.43 -2.95 15.67
CA LYS C 139 -14.40 -2.71 14.68
C LYS C 139 -13.84 -1.30 14.85
N GLU C 140 -12.87 -0.94 14.02
CA GLU C 140 -12.26 0.38 14.09
C GLU C 140 -13.28 1.43 13.65
N PRO C 141 -13.37 2.56 14.39
CA PRO C 141 -12.56 2.89 15.57
C PRO C 141 -13.30 2.79 16.91
N GLU C 142 -14.53 2.28 16.90
CA GLU C 142 -15.32 2.17 18.13
C GLU C 142 -14.67 1.30 19.22
N LEU C 143 -13.89 0.31 18.81
CA LEU C 143 -13.26 -0.59 19.78
C LEU C 143 -12.23 0.07 20.67
N ASN C 144 -11.98 1.36 20.45
CA ASN C 144 -10.99 2.10 21.23
C ASN C 144 -11.55 2.98 22.36
N THR C 145 -12.84 2.90 22.65
CA THR C 145 -13.41 3.74 23.71
C THR C 145 -12.78 3.49 25.08
N ALA C 146 -12.33 2.26 25.33
CA ALA C 146 -11.69 1.90 26.59
C ALA C 146 -12.38 2.47 27.85
N ILE C 147 -13.71 2.46 27.86
CA ILE C 147 -14.45 2.98 29.00
C ILE C 147 -14.25 2.09 30.24
N PRO C 148 -13.89 2.70 31.38
CA PRO C 148 -13.66 1.97 32.64
C PRO C 148 -14.88 1.13 33.03
N GLY C 149 -14.64 -0.13 33.37
CA GLY C 149 -15.73 -1.02 33.75
C GLY C 149 -16.34 -1.75 32.56
N ASP C 150 -16.15 -1.21 31.36
CA ASP C 150 -16.69 -1.83 30.15
C ASP C 150 -15.85 -3.04 29.75
N GLU C 151 -16.49 -4.19 29.56
CA GLU C 151 -15.76 -5.40 29.22
C GLU C 151 -15.58 -5.64 27.73
N ARG C 152 -16.28 -4.86 26.91
CA ARG C 152 -16.14 -5.01 25.47
C ARG C 152 -14.70 -4.74 25.06
N ASP C 153 -14.24 -5.50 24.07
CA ASP C 153 -12.89 -5.36 23.53
C ASP C 153 -11.78 -5.33 24.58
N THR C 154 -11.83 -6.29 25.51
CA THR C 154 -10.83 -6.36 26.59
C THR C 154 -10.26 -7.76 26.74
N THR C 155 -9.27 -7.87 27.62
CA THR C 155 -8.65 -9.15 27.94
C THR C 155 -7.75 -8.92 29.14
N SER C 156 -7.12 -9.98 29.64
CA SER C 156 -6.24 -9.80 30.78
C SER C 156 -4.81 -9.91 30.28
N PRO C 157 -3.86 -9.35 31.03
CA PRO C 157 -2.45 -9.39 30.62
C PRO C 157 -1.96 -10.85 30.50
N LEU C 158 -2.31 -11.69 31.47
CA LEU C 158 -1.89 -13.08 31.45
C LEU C 158 -2.53 -13.87 30.32
N ALA C 159 -3.81 -13.63 30.07
CA ALA C 159 -4.49 -14.34 29.00
C ALA C 159 -3.86 -13.98 27.66
N MET C 160 -3.48 -12.70 27.51
CA MET C 160 -2.87 -12.28 26.25
C MET C 160 -1.44 -12.77 26.13
N ALA C 161 -0.73 -12.83 27.25
CA ALA C 161 0.64 -13.31 27.24
C ALA C 161 0.66 -14.77 26.80
N LYS C 162 -0.22 -15.57 27.38
CA LYS C 162 -0.29 -16.99 27.03
C LYS C 162 -0.61 -17.18 25.56
N SER C 163 -1.57 -16.42 25.05
CA SER C 163 -1.95 -16.52 23.64
C SER C 163 -0.83 -16.10 22.68
N LEU C 164 -0.15 -14.99 22.99
CA LEU C 164 0.93 -14.54 22.14
C LEU C 164 2.03 -15.61 22.11
N ARG C 165 2.20 -16.31 23.23
CA ARG C 165 3.20 -17.35 23.31
C ARG C 165 2.86 -18.53 22.41
N LYS C 166 1.61 -18.97 22.46
CA LYS C 166 1.16 -20.10 21.64
C LYS C 166 1.22 -19.78 20.16
N LEU C 167 0.99 -18.51 19.81
CA LEU C 167 0.99 -18.10 18.41
C LEU C 167 2.40 -17.91 17.84
N THR C 168 3.33 -17.44 18.65
CA THR C 168 4.69 -17.18 18.17
C THR C 168 5.74 -18.23 18.50
N LEU C 169 5.49 -19.05 19.51
CA LEU C 169 6.44 -20.07 19.93
C LEU C 169 5.80 -21.46 20.06
N GLY C 170 4.51 -21.48 20.36
CA GLY C 170 3.79 -22.73 20.53
C GLY C 170 3.24 -23.30 19.23
N ASP C 171 2.26 -24.20 19.36
CA ASP C 171 1.67 -24.86 18.21
C ASP C 171 0.29 -24.39 17.79
N ALA C 172 -0.06 -23.14 18.09
CA ALA C 172 -1.36 -22.63 17.70
C ALA C 172 -1.40 -22.44 16.18
N LEU C 173 -0.25 -22.19 15.59
CA LEU C 173 -0.14 -21.99 14.15
C LEU C 173 0.87 -22.96 13.56
N ALA C 174 0.77 -23.22 12.27
CA ALA C 174 1.71 -24.12 11.61
C ALA C 174 3.01 -23.36 11.37
N GLY C 175 4.08 -24.09 11.13
CA GLY C 175 5.38 -23.49 10.89
C GLY C 175 5.43 -22.25 10.01
N PRO C 176 5.00 -22.34 8.73
CA PRO C 176 5.02 -21.18 7.84
C PRO C 176 4.24 -20.00 8.39
N GLN C 177 3.03 -20.25 8.86
CA GLN C 177 2.18 -19.19 9.41
C GLN C 177 2.81 -18.58 10.65
N ARG C 178 3.40 -19.44 11.49
CA ARG C 178 4.03 -18.99 12.71
C ARG C 178 5.25 -18.12 12.45
N ALA C 179 6.04 -18.47 11.43
CA ALA C 179 7.23 -17.72 11.08
C ALA C 179 6.87 -16.35 10.52
N GLN C 180 5.75 -16.29 9.79
CA GLN C 180 5.31 -15.03 9.22
C GLN C 180 4.81 -14.07 10.30
N LEU C 181 4.15 -14.59 11.33
CA LEU C 181 3.66 -13.73 12.39
C LEU C 181 4.86 -13.12 13.12
N VAL C 182 5.83 -13.96 13.44
CA VAL C 182 7.03 -13.51 14.13
C VAL C 182 7.74 -12.45 13.30
N ASP C 183 7.91 -12.72 12.01
CA ASP C 183 8.56 -11.78 11.13
C ASP C 183 7.80 -10.45 11.12
N TRP C 184 6.48 -10.52 11.06
CA TRP C 184 5.67 -9.31 11.05
C TRP C 184 5.84 -8.51 12.34
N LEU C 185 5.78 -9.19 13.48
CA LEU C 185 5.92 -8.54 14.77
C LEU C 185 7.30 -7.89 14.92
N LYS C 186 8.33 -8.56 14.40
CA LYS C 186 9.68 -8.04 14.47
C LYS C 186 9.81 -6.78 13.61
N GLY C 187 8.93 -6.64 12.64
CA GLY C 187 8.96 -5.48 11.77
C GLY C 187 8.06 -4.33 12.19
N ASN C 188 7.49 -4.39 13.40
CA ASN C 188 6.62 -3.30 13.86
C ASN C 188 7.45 -2.01 13.92
N THR C 189 6.86 -0.90 13.46
CA THR C 189 7.54 0.39 13.44
C THR C 189 7.01 1.38 14.48
N THR C 190 6.07 0.95 15.31
CA THR C 190 5.49 1.87 16.29
C THR C 190 5.82 1.60 17.75
N GLY C 191 6.72 0.65 18.02
CA GLY C 191 7.04 0.33 19.40
C GLY C 191 8.34 0.87 19.99
N GLY C 192 8.98 1.79 19.28
CA GLY C 192 10.24 2.35 19.77
C GLY C 192 10.26 2.94 21.17
N GLN C 193 9.20 3.63 21.56
CA GLN C 193 9.15 4.25 22.88
C GLN C 193 8.49 3.41 23.97
N SER C 194 8.14 2.16 23.65
CA SER C 194 7.46 1.31 24.62
C SER C 194 8.34 0.24 25.25
N ILE C 195 7.87 -1.01 25.21
CA ILE C 195 8.62 -2.11 25.78
C ILE C 195 10.06 -2.11 25.27
N ARG C 196 10.24 -1.86 23.97
CA ARG C 196 11.58 -1.83 23.40
C ARG C 196 12.51 -0.88 24.15
N ALA C 197 12.02 0.32 24.45
CA ALA C 197 12.81 1.33 25.14
C ALA C 197 13.32 0.91 26.52
N GLY C 198 12.74 -0.15 27.10
CA GLY C 198 13.20 -0.57 28.42
C GLY C 198 14.10 -1.80 28.39
N LEU C 199 14.52 -2.21 27.19
CA LEU C 199 15.36 -3.40 27.04
C LEU C 199 16.70 -3.12 26.37
N PRO C 200 17.70 -3.99 26.62
CA PRO C 200 19.03 -3.82 26.02
C PRO C 200 18.84 -3.71 24.50
N ALA C 201 19.48 -2.73 23.88
CA ALA C 201 19.34 -2.51 22.45
C ALA C 201 19.55 -3.70 21.50
N HIS C 202 20.37 -4.67 21.88
CA HIS C 202 20.64 -5.81 21.01
C HIS C 202 19.66 -6.98 21.14
N TRP C 203 18.74 -6.90 22.09
CA TRP C 203 17.77 -7.96 22.26
C TRP C 203 16.80 -7.90 21.07
N VAL C 204 16.46 -9.06 20.51
CA VAL C 204 15.55 -9.13 19.36
C VAL C 204 14.10 -9.12 19.85
N VAL C 205 13.27 -8.29 19.23
CA VAL C 205 11.90 -8.15 19.69
C VAL C 205 10.79 -8.04 18.64
N GLY C 206 9.68 -8.73 18.90
CA GLY C 206 8.53 -8.67 18.04
C GLY C 206 7.42 -8.12 18.93
N ASP C 207 6.72 -7.08 18.49
CA ASP C 207 5.65 -6.52 19.33
C ASP C 207 4.56 -5.79 18.57
N LYS C 208 3.52 -5.43 19.31
CA LYS C 208 2.41 -4.68 18.77
C LYS C 208 1.95 -3.74 19.88
N THR C 209 1.95 -2.45 19.57
CA THR C 209 1.55 -1.44 20.54
C THR C 209 0.08 -1.11 20.45
N GLY C 210 -0.36 -0.25 21.36
CA GLY C 210 -1.75 0.18 21.38
C GLY C 210 -1.87 1.50 22.11
N ALA C 211 -2.68 2.41 21.59
CA ALA C 211 -2.89 3.69 22.23
C ALA C 211 -4.30 4.15 21.93
N CYS C 212 -5.14 4.19 22.97
CA CYS C 212 -6.50 4.64 22.76
C CYS C 212 -7.04 5.48 23.93
N ASP C 213 -8.34 5.74 23.96
CA ASP C 213 -8.94 6.58 25.00
C ASP C 213 -8.54 6.24 26.43
N TYR C 214 -8.79 7.20 27.33
CA TYR C 214 -8.46 7.07 28.75
C TYR C 214 -6.96 6.85 28.89
N GLY C 215 -6.21 7.49 27.99
CA GLY C 215 -4.76 7.38 28.00
C GLY C 215 -4.27 5.96 28.07
N THR C 216 -5.07 5.03 27.54
CA THR C 216 -4.71 3.63 27.55
C THR C 216 -3.50 3.43 26.63
N THR C 217 -2.43 2.90 27.20
CA THR C 217 -1.21 2.69 26.46
C THR C 217 -0.80 1.23 26.62
N ASN C 218 -0.81 0.50 25.51
CA ASN C 218 -0.48 -0.90 25.56
C ASN C 218 0.64 -1.35 24.65
N ASP C 219 1.17 -2.54 24.96
CA ASP C 219 2.22 -3.16 24.20
C ASP C 219 2.34 -4.63 24.62
N ILE C 220 2.46 -5.53 23.66
CA ILE C 220 2.61 -6.95 23.94
C ILE C 220 3.79 -7.39 23.10
N ALA C 221 4.67 -8.23 23.65
CA ALA C 221 5.85 -8.62 22.90
C ALA C 221 6.48 -9.96 23.22
N VAL C 222 7.29 -10.42 22.27
CA VAL C 222 8.04 -11.66 22.40
C VAL C 222 9.49 -11.16 22.38
N ILE C 223 10.24 -11.50 23.42
CA ILE C 223 11.61 -11.02 23.55
C ILE C 223 12.66 -12.12 23.61
N TRP C 224 13.71 -11.96 22.78
CA TRP C 224 14.81 -12.91 22.72
C TRP C 224 16.07 -12.25 23.30
N PRO C 225 16.42 -12.58 24.57
CA PRO C 225 17.60 -11.99 25.21
C PRO C 225 18.86 -12.76 24.80
N GLU C 226 19.62 -12.16 23.91
CA GLU C 226 20.83 -12.79 23.40
C GLU C 226 20.49 -14.23 22.99
N ASP C 227 21.24 -15.20 23.50
CA ASP C 227 20.98 -16.58 23.12
C ASP C 227 20.18 -17.38 24.14
N ARG C 228 19.47 -16.67 25.03
CA ARG C 228 18.65 -17.29 26.07
C ARG C 228 17.22 -17.52 25.57
N ALA C 229 16.46 -18.34 26.30
CA ALA C 229 15.09 -18.65 25.93
C ALA C 229 14.25 -17.37 25.92
N PRO C 230 13.32 -17.26 24.96
CA PRO C 230 12.47 -16.07 24.85
C PRO C 230 11.55 -15.79 26.04
N LEU C 231 11.14 -14.53 26.12
CA LEU C 231 10.26 -14.05 27.19
C LEU C 231 9.03 -13.51 26.47
N VAL C 232 7.87 -13.66 27.10
CA VAL C 232 6.65 -13.12 26.53
C VAL C 232 6.14 -12.11 27.53
N LEU C 233 6.02 -10.85 27.10
CA LEU C 233 5.60 -9.77 27.96
C LEU C 233 4.43 -8.94 27.46
N VAL C 234 3.50 -8.67 28.36
CA VAL C 234 2.33 -7.84 28.08
C VAL C 234 2.32 -6.74 29.13
N THR C 235 2.28 -5.50 28.67
CA THR C 235 2.25 -4.37 29.58
C THR C 235 1.07 -3.51 29.17
N TYR C 236 0.02 -3.53 30.01
CA TYR C 236 -1.18 -2.75 29.76
C TYR C 236 -1.28 -1.59 30.74
N PHE C 237 -1.72 -0.44 30.26
CA PHE C 237 -1.85 0.73 31.11
C PHE C 237 -3.03 1.59 30.73
N THR C 238 -3.82 1.97 31.72
CA THR C 238 -4.97 2.83 31.46
C THR C 238 -5.09 3.85 32.60
N GLN C 239 -5.72 4.99 32.31
CA GLN C 239 -5.82 6.06 33.31
C GLN C 239 -7.24 6.52 33.61
N PRO C 240 -7.42 7.33 34.67
CA PRO C 240 -8.71 7.86 35.12
C PRO C 240 -9.44 8.81 34.16
N GLN C 241 -8.71 9.65 33.44
CA GLN C 241 -9.31 10.63 32.54
C GLN C 241 -9.51 10.15 31.09
N GLN C 242 -10.68 10.43 30.55
CA GLN C 242 -11.03 10.06 29.19
C GLN C 242 -10.04 10.63 28.18
N ASP C 243 -9.56 11.84 28.45
CA ASP C 243 -8.64 12.49 27.53
C ASP C 243 -7.18 12.52 27.98
N ALA C 244 -6.81 11.58 28.86
CA ALA C 244 -5.44 11.52 29.36
C ALA C 244 -4.45 11.22 28.21
N LYS C 245 -3.26 11.78 28.30
CA LYS C 245 -2.23 11.57 27.28
C LYS C 245 -1.61 10.19 27.48
N TRP C 246 -1.00 9.66 26.44
CA TRP C 246 -0.38 8.35 26.51
C TRP C 246 0.93 8.35 27.28
N ARG C 247 1.18 7.25 27.99
CA ARG C 247 2.38 7.11 28.78
C ARG C 247 3.21 5.90 28.36
N LYS C 248 3.71 5.95 27.13
CA LYS C 248 4.52 4.86 26.60
C LYS C 248 5.72 4.63 27.49
N ASP C 249 6.18 5.69 28.14
CA ASP C 249 7.34 5.62 29.02
C ASP C 249 7.05 4.74 30.24
N VAL C 250 5.78 4.59 30.60
CA VAL C 250 5.43 3.75 31.74
C VAL C 250 5.61 2.28 31.35
N LEU C 251 5.30 1.95 30.10
CA LEU C 251 5.47 0.58 29.62
C LEU C 251 6.97 0.24 29.60
N ALA C 252 7.77 1.20 29.15
CA ALA C 252 9.21 0.99 29.09
C ALA C 252 9.78 0.67 30.47
N ALA C 253 9.37 1.45 31.48
CA ALA C 253 9.83 1.26 32.84
C ALA C 253 9.40 -0.10 33.41
N ALA C 254 8.16 -0.50 33.14
CA ALA C 254 7.68 -1.80 33.61
C ALA C 254 8.54 -2.89 32.98
N ALA C 255 8.81 -2.76 31.68
CA ALA C 255 9.62 -3.75 30.96
C ALA C 255 11.03 -3.80 31.56
N LYS C 256 11.65 -2.64 31.75
CA LYS C 256 12.98 -2.55 32.32
C LYS C 256 13.04 -3.26 33.68
N ILE C 257 11.99 -3.11 34.47
CA ILE C 257 11.93 -3.73 35.80
C ILE C 257 11.81 -5.25 35.81
N VAL C 258 10.89 -5.80 35.02
CA VAL C 258 10.68 -7.25 35.02
C VAL C 258 11.69 -8.09 34.22
N THR C 259 12.40 -7.47 33.29
CA THR C 259 13.38 -8.22 32.48
C THR C 259 14.82 -8.06 32.96
N GLU C 260 15.01 -7.32 34.05
CA GLU C 260 16.34 -7.10 34.61
C GLU C 260 16.98 -8.44 34.97
N GLY C 261 18.16 -8.68 34.41
CA GLY C 261 18.86 -9.93 34.69
C GLY C 261 18.46 -11.13 33.86
N LYS C 262 17.54 -10.95 32.90
CA LYS C 262 17.09 -12.07 32.07
C LYS C 262 17.97 -12.26 30.83
N VAL D 1 23.51 -15.47 -6.46
CA VAL D 1 24.52 -14.57 -7.10
C VAL D 1 25.68 -15.39 -7.63
N GLN D 2 26.13 -15.04 -8.83
CA GLN D 2 27.24 -15.74 -9.47
C GLN D 2 28.55 -15.51 -8.72
N GLN D 3 28.57 -14.44 -7.92
CA GLN D 3 29.75 -14.11 -7.14
C GLN D 3 29.93 -15.03 -5.94
N VAL D 4 28.84 -15.32 -5.24
CA VAL D 4 28.92 -16.21 -4.09
C VAL D 4 29.45 -17.57 -4.56
N GLN D 5 28.94 -18.02 -5.70
CA GLN D 5 29.36 -19.30 -6.26
C GLN D 5 30.85 -19.31 -6.61
N LYS D 6 31.31 -18.25 -7.27
CA LYS D 6 32.71 -18.17 -7.65
C LYS D 6 33.60 -18.23 -6.40
N LYS D 7 33.20 -17.52 -5.35
CA LYS D 7 33.96 -17.52 -4.11
C LYS D 7 33.99 -18.88 -3.42
N LEU D 8 32.87 -19.59 -3.43
CA LEU D 8 32.82 -20.91 -2.81
C LEU D 8 33.73 -21.87 -3.56
N ALA D 9 33.66 -21.81 -4.89
CA ALA D 9 34.50 -22.66 -5.73
C ALA D 9 35.97 -22.37 -5.46
N ALA D 10 36.31 -21.08 -5.33
CA ALA D 10 37.68 -20.68 -5.07
C ALA D 10 38.13 -21.18 -3.69
N LEU D 11 37.23 -21.10 -2.72
CA LEU D 11 37.53 -21.57 -1.36
C LEU D 11 37.84 -23.08 -1.38
N GLU D 12 36.99 -23.84 -2.05
CA GLU D 12 37.20 -25.29 -2.12
C GLU D 12 38.52 -25.63 -2.82
N LYS D 13 38.80 -24.95 -3.92
CA LYS D 13 40.03 -25.20 -4.68
C LYS D 13 41.28 -24.95 -3.83
N GLN D 14 41.26 -23.85 -3.09
CA GLN D 14 42.40 -23.46 -2.26
C GLN D 14 42.57 -24.38 -1.04
N SER D 15 41.48 -25.02 -0.60
CA SER D 15 41.51 -25.89 0.57
C SER D 15 42.01 -27.30 0.24
N GLY D 16 41.87 -27.71 -1.02
CA GLY D 16 42.32 -29.03 -1.41
C GLY D 16 41.32 -30.12 -1.04
N GLY D 17 40.19 -29.75 -0.47
CA GLY D 17 39.20 -30.74 -0.09
C GLY D 17 37.92 -30.64 -0.90
N ARG D 18 36.85 -31.23 -0.38
CA ARG D 18 35.55 -31.19 -1.04
C ARG D 18 34.60 -30.46 -0.08
N LEU D 19 34.02 -29.38 -0.58
CA LEU D 19 33.12 -28.57 0.23
C LEU D 19 31.65 -28.74 -0.15
N GLY D 20 30.80 -28.79 0.87
CA GLY D 20 29.37 -28.94 0.64
C GLY D 20 28.64 -27.87 1.43
N VAL D 21 27.84 -27.07 0.74
CA VAL D 21 27.11 -26.00 1.41
C VAL D 21 25.66 -25.92 1.01
N ALA D 22 24.83 -25.63 2.00
CA ALA D 22 23.41 -25.46 1.78
C ALA D 22 22.93 -24.40 2.75
N LEU D 23 22.48 -23.29 2.19
CA LEU D 23 21.96 -22.18 3.00
C LEU D 23 20.51 -21.96 2.60
N ILE D 24 19.64 -21.88 3.59
CA ILE D 24 18.23 -21.63 3.34
C ILE D 24 17.85 -20.33 4.04
N ASN D 25 17.29 -19.39 3.28
CA ASN D 25 16.88 -18.11 3.83
C ASN D 25 15.37 -18.21 4.03
N THR D 26 14.94 -18.34 5.29
CA THR D 26 13.51 -18.47 5.56
C THR D 26 12.72 -17.20 5.26
N ALA D 27 13.41 -16.16 4.81
CA ALA D 27 12.73 -14.91 4.48
C ALA D 27 11.94 -15.05 3.19
N ASP D 28 12.52 -15.75 2.22
CA ASP D 28 11.88 -15.95 0.93
C ASP D 28 12.09 -17.37 0.41
N ASN D 29 12.61 -18.24 1.26
CA ASN D 29 12.89 -19.63 0.91
C ASN D 29 13.94 -19.81 -0.20
N SER D 30 14.70 -18.76 -0.48
CA SER D 30 15.74 -18.84 -1.50
C SER D 30 16.87 -19.72 -0.94
N GLN D 31 17.74 -20.23 -1.80
CA GLN D 31 18.83 -21.09 -1.33
C GLN D 31 20.18 -20.81 -2.00
N VAL D 32 21.25 -21.18 -1.30
CA VAL D 32 22.61 -21.06 -1.82
C VAL D 32 23.13 -22.49 -1.72
N LEU D 33 23.36 -23.12 -2.88
CA LEU D 33 23.79 -24.51 -2.89
C LEU D 33 25.16 -24.74 -3.53
N TYR D 34 25.94 -25.55 -3.02
CA TYR D 34 27.26 -26.02 -3.41
C TYR D 34 27.42 -27.51 -3.09
N ARG D 35 27.35 -28.35 -4.11
CA ARG D 35 27.44 -29.79 -3.93
C ARG D 35 26.40 -30.17 -2.87
N ALA D 36 25.28 -29.46 -2.87
CA ALA D 36 24.22 -29.68 -1.90
C ALA D 36 23.48 -31.02 -2.02
N ASP D 37 23.67 -31.72 -3.14
CA ASP D 37 23.00 -32.99 -3.31
C ASP D 37 23.96 -34.16 -3.15
N GLU D 38 25.22 -33.83 -2.90
CA GLU D 38 26.26 -34.85 -2.72
C GLU D 38 26.26 -35.32 -1.26
N ARG D 39 26.60 -36.59 -1.05
CA ARG D 39 26.66 -37.16 0.30
C ARG D 39 27.97 -36.88 1.03
N PHE D 40 27.88 -36.59 2.32
CA PHE D 40 29.06 -36.33 3.15
C PHE D 40 28.87 -37.08 4.46
N ALA D 41 29.95 -37.53 5.06
CA ALA D 41 29.88 -38.22 6.34
C ALA D 41 29.46 -37.15 7.34
N MET D 42 28.35 -37.39 8.04
CA MET D 42 27.82 -36.43 9.02
C MET D 42 28.66 -36.36 10.29
N CYS D 43 29.19 -37.50 10.68
CA CYS D 43 29.95 -37.62 11.92
C CYS D 43 29.14 -37.06 13.07
N SER D 44 29.76 -36.29 13.96
CA SER D 44 29.06 -35.75 15.12
C SER D 44 27.75 -35.00 14.87
N THR D 45 27.60 -34.37 13.71
CA THR D 45 26.37 -33.64 13.43
C THR D 45 25.14 -34.55 13.37
N SER D 46 25.37 -35.86 13.37
CA SER D 46 24.26 -36.81 13.33
C SER D 46 23.57 -36.85 14.69
N LYS D 47 24.21 -36.24 15.68
CA LYS D 47 23.66 -36.22 17.03
C LYS D 47 22.38 -35.37 17.10
N VAL D 48 22.23 -34.44 16.17
CA VAL D 48 21.04 -33.61 16.16
C VAL D 48 19.78 -34.39 15.85
N MET D 49 19.84 -35.21 14.81
CA MET D 49 18.71 -36.03 14.41
C MET D 49 18.41 -37.03 15.52
N THR D 50 19.47 -37.54 16.15
CA THR D 50 19.33 -38.51 17.23
C THR D 50 18.67 -37.92 18.47
N ALA D 51 19.08 -36.72 18.84
CA ALA D 51 18.52 -36.06 20.00
C ALA D 51 17.05 -35.71 19.72
N ALA D 52 16.78 -35.28 18.49
CA ALA D 52 15.41 -34.90 18.10
C ALA D 52 14.46 -36.10 18.14
N ALA D 53 15.01 -37.29 17.93
CA ALA D 53 14.21 -38.52 17.95
C ALA D 53 13.76 -38.79 19.39
N VAL D 54 14.66 -38.53 20.33
CA VAL D 54 14.36 -38.72 21.73
C VAL D 54 13.31 -37.68 22.14
N LEU D 55 13.50 -36.45 21.70
CA LEU D 55 12.55 -35.40 22.04
C LEU D 55 11.19 -35.75 21.46
N LYS D 56 11.18 -36.39 20.30
CA LYS D 56 9.92 -36.76 19.68
C LYS D 56 9.11 -37.66 20.59
N GLN D 57 9.78 -38.61 21.23
CA GLN D 57 9.11 -39.55 22.13
C GLN D 57 8.47 -38.87 23.31
N SER D 58 9.14 -37.87 23.85
CA SER D 58 8.63 -37.14 25.02
C SER D 58 7.28 -36.49 24.73
N GLU D 59 6.90 -36.43 23.45
CA GLU D 59 5.63 -35.83 23.08
C GLU D 59 4.46 -36.74 23.45
N THR D 60 4.74 -38.02 23.64
CA THR D 60 3.71 -38.99 23.99
C THR D 60 4.03 -39.81 25.24
N HIS D 61 5.32 -39.94 25.55
CA HIS D 61 5.77 -40.67 26.73
C HIS D 61 6.17 -39.65 27.79
N ASP D 62 5.16 -39.10 28.46
CA ASP D 62 5.36 -38.09 29.49
C ASP D 62 6.44 -38.46 30.51
N GLY D 63 7.38 -37.53 30.72
CA GLY D 63 8.45 -37.76 31.67
C GLY D 63 9.58 -38.67 31.22
N ILE D 64 9.54 -39.09 29.96
CA ILE D 64 10.58 -39.99 29.45
C ILE D 64 11.97 -39.35 29.50
N LEU D 65 12.04 -38.03 29.36
CA LEU D 65 13.32 -37.32 29.42
C LEU D 65 14.01 -37.45 30.79
N GLN D 66 13.22 -37.73 31.83
CA GLN D 66 13.78 -37.87 33.15
C GLN D 66 14.15 -39.33 33.45
N GLN D 67 13.92 -40.20 32.48
CA GLN D 67 14.26 -41.60 32.63
C GLN D 67 15.78 -41.66 32.79
N LYS D 68 16.28 -42.58 33.61
CA LYS D 68 17.72 -42.69 33.85
C LYS D 68 18.42 -43.87 33.21
N MET D 69 19.74 -43.74 33.06
CA MET D 69 20.59 -44.79 32.52
C MET D 69 21.88 -44.80 33.32
N THR D 70 22.36 -45.99 33.65
CA THR D 70 23.59 -46.12 34.43
C THR D 70 24.84 -45.97 33.58
N ILE D 71 25.83 -45.27 34.11
CA ILE D 71 27.08 -45.05 33.40
C ILE D 71 28.14 -45.99 33.97
N LYS D 72 28.53 -46.97 33.16
CA LYS D 72 29.55 -47.92 33.58
C LYS D 72 30.89 -47.49 33.01
N LYS D 73 31.95 -47.71 33.77
CA LYS D 73 33.29 -47.36 33.34
C LYS D 73 33.58 -48.05 32.02
N ALA D 74 32.99 -49.22 31.82
CA ALA D 74 33.19 -49.99 30.60
C ALA D 74 32.43 -49.41 29.42
N ASP D 75 31.52 -48.47 29.68
CA ASP D 75 30.74 -47.83 28.62
C ASP D 75 31.53 -46.71 27.95
N LEU D 76 32.54 -46.19 28.64
CA LEU D 76 33.35 -45.11 28.12
C LEU D 76 34.00 -45.42 26.77
N THR D 77 34.04 -44.40 25.91
CA THR D 77 34.61 -44.50 24.58
C THR D 77 35.89 -43.68 24.49
N ASN D 78 36.12 -43.07 23.33
CA ASN D 78 37.32 -42.26 23.10
C ASN D 78 37.15 -40.79 23.48
N TRP D 79 35.91 -40.35 23.62
CA TRP D 79 35.64 -38.96 23.96
C TRP D 79 34.44 -38.89 24.91
N ASN D 80 34.72 -38.68 26.19
CA ASN D 80 33.67 -38.62 27.20
C ASN D 80 33.84 -37.44 28.12
N PRO D 81 33.81 -36.21 27.57
CA PRO D 81 33.97 -35.02 28.41
C PRO D 81 33.02 -34.95 29.61
N VAL D 82 31.78 -35.39 29.42
CA VAL D 82 30.81 -35.35 30.50
C VAL D 82 30.64 -36.69 31.20
N THR D 83 30.24 -37.70 30.43
CA THR D 83 30.00 -39.04 30.98
C THR D 83 31.10 -39.60 31.87
N GLU D 84 32.34 -39.20 31.66
CA GLU D 84 33.41 -39.73 32.49
C GLU D 84 33.27 -39.24 33.93
N LYS D 85 32.59 -38.11 34.11
CA LYS D 85 32.37 -37.55 35.44
C LYS D 85 31.27 -38.31 36.17
N TYR D 86 30.44 -39.03 35.41
CA TYR D 86 29.34 -39.79 35.96
C TYR D 86 29.51 -41.30 35.97
N VAL D 87 30.75 -41.78 36.04
CA VAL D 87 30.97 -43.22 36.08
C VAL D 87 30.46 -43.75 37.41
N GLY D 88 29.80 -44.90 37.37
CA GLY D 88 29.26 -45.49 38.58
C GLY D 88 28.06 -44.74 39.10
N ASN D 89 27.50 -43.88 38.24
CA ASN D 89 26.33 -43.10 38.61
C ASN D 89 25.34 -43.14 37.45
N THR D 90 24.32 -42.29 37.47
CA THR D 90 23.34 -42.28 36.38
C THR D 90 23.13 -40.89 35.80
N MET D 91 22.58 -40.86 34.59
CA MET D 91 22.29 -39.63 33.88
C MET D 91 20.92 -39.80 33.22
N THR D 92 20.12 -38.75 33.21
CA THR D 92 18.81 -38.83 32.58
C THR D 92 19.01 -38.64 31.09
N LEU D 93 17.98 -38.93 30.31
CA LEU D 93 18.03 -38.77 28.86
C LEU D 93 18.20 -37.30 28.49
N ALA D 94 17.67 -36.42 29.34
CA ALA D 94 17.78 -34.99 29.09
C ALA D 94 19.25 -34.58 29.24
N GLU D 95 19.88 -35.05 30.30
CA GLU D 95 21.29 -34.75 30.56
C GLU D 95 22.18 -35.38 29.49
N LEU D 96 21.85 -36.61 29.12
CA LEU D 96 22.62 -37.30 28.09
C LEU D 96 22.48 -36.57 26.76
N SER D 97 21.29 -36.07 26.45
CA SER D 97 21.09 -35.33 25.20
C SER D 97 21.90 -34.05 25.20
N ALA D 98 21.88 -33.32 26.31
CA ALA D 98 22.61 -32.07 26.44
C ALA D 98 24.10 -32.31 26.31
N ALA D 99 24.58 -33.38 26.96
CA ALA D 99 25.99 -33.73 26.93
C ALA D 99 26.43 -34.11 25.52
N THR D 100 25.52 -34.74 24.78
CA THR D 100 25.79 -35.18 23.42
C THR D 100 25.83 -34.01 22.46
N LEU D 101 24.89 -33.10 22.62
CA LEU D 101 24.79 -31.93 21.75
C LEU D 101 25.74 -30.78 22.05
N GLN D 102 26.00 -30.54 23.33
CA GLN D 102 26.84 -29.40 23.71
C GLN D 102 28.33 -29.69 23.94
N TYR D 103 28.69 -30.95 24.17
CA TYR D 103 30.09 -31.32 24.34
C TYR D 103 30.49 -32.44 23.39
N SER D 104 29.52 -32.88 22.58
CA SER D 104 29.72 -33.94 21.60
C SER D 104 30.25 -35.22 22.26
N ASP D 105 29.70 -35.53 23.43
CA ASP D 105 30.10 -36.71 24.20
C ASP D 105 29.71 -38.01 23.47
N ASN D 106 30.69 -38.80 23.08
CA ASN D 106 30.45 -40.07 22.37
C ASN D 106 29.70 -41.11 23.18
N THR D 107 30.02 -41.24 24.46
CA THR D 107 29.35 -42.23 25.30
C THR D 107 27.90 -41.85 25.50
N ALA D 108 27.64 -40.54 25.58
CA ALA D 108 26.27 -40.08 25.77
C ALA D 108 25.50 -40.46 24.50
N MET D 109 26.13 -40.24 23.35
CA MET D 109 25.51 -40.58 22.06
C MET D 109 25.11 -42.05 22.06
N ASN D 110 26.00 -42.94 22.50
CA ASN D 110 25.69 -44.37 22.52
C ASN D 110 24.54 -44.72 23.47
N LYS D 111 24.40 -43.98 24.57
CA LYS D 111 23.32 -44.24 25.50
C LYS D 111 22.00 -43.89 24.82
N LEU D 112 21.98 -42.80 24.07
CA LEU D 112 20.77 -42.39 23.36
C LEU D 112 20.43 -43.45 22.31
N LEU D 113 21.45 -43.92 21.60
CA LEU D 113 21.24 -44.94 20.57
C LEU D 113 20.70 -46.22 21.19
N ALA D 114 21.26 -46.62 22.33
CA ALA D 114 20.80 -47.81 23.01
C ALA D 114 19.33 -47.62 23.39
N HIS D 115 19.01 -46.45 23.92
CA HIS D 115 17.64 -46.15 24.31
C HIS D 115 16.67 -46.18 23.13
N LEU D 116 17.07 -45.63 22.00
CA LEU D 116 16.20 -45.61 20.82
C LEU D 116 16.13 -46.96 20.10
N GLY D 117 17.01 -47.88 20.46
CA GLY D 117 17.00 -49.18 19.83
C GLY D 117 18.03 -49.36 18.73
N GLY D 118 18.86 -48.34 18.50
CA GLY D 118 19.88 -48.43 17.48
C GLY D 118 19.85 -47.35 16.41
N PRO D 119 20.89 -47.27 15.57
CA PRO D 119 21.01 -46.28 14.50
C PRO D 119 19.85 -46.34 13.53
N GLY D 120 19.36 -47.56 13.30
CA GLY D 120 18.26 -47.74 12.36
C GLY D 120 17.01 -46.98 12.77
N ASN D 121 16.83 -46.78 14.07
CA ASN D 121 15.66 -46.07 14.57
C ASN D 121 15.77 -44.58 14.33
N VAL D 122 17.00 -44.09 14.20
CA VAL D 122 17.20 -42.68 13.94
C VAL D 122 16.86 -42.46 12.47
N THR D 123 17.29 -43.38 11.63
CA THR D 123 17.00 -43.29 10.20
C THR D 123 15.49 -43.34 10.02
N ALA D 124 14.85 -44.19 10.81
CA ALA D 124 13.39 -44.32 10.75
C ALA D 124 12.75 -42.97 11.11
N PHE D 125 13.28 -42.32 12.14
CA PHE D 125 12.74 -41.02 12.55
C PHE D 125 12.91 -40.02 11.42
N ALA D 126 14.06 -40.06 10.75
CA ALA D 126 14.36 -39.15 9.65
C ALA D 126 13.34 -39.33 8.53
N ARG D 127 13.07 -40.57 8.19
CA ARG D 127 12.08 -40.83 7.14
C ARG D 127 10.72 -40.31 7.59
N SER D 128 10.41 -40.41 8.87
CA SER D 128 9.11 -39.96 9.36
C SER D 128 8.90 -38.46 9.20
N ILE D 129 9.99 -37.69 9.15
CA ILE D 129 9.83 -36.24 8.99
C ILE D 129 10.06 -35.81 7.54
N GLY D 130 10.10 -36.80 6.65
CA GLY D 130 10.29 -36.52 5.24
C GLY D 130 11.73 -36.45 4.74
N ASP D 131 12.67 -36.94 5.54
CA ASP D 131 14.08 -36.92 5.11
C ASP D 131 14.43 -38.29 4.55
N THR D 132 14.57 -38.39 3.23
CA THR D 132 14.91 -39.66 2.60
C THR D 132 16.37 -39.83 2.24
N THR D 133 17.21 -38.88 2.64
CA THR D 133 18.63 -38.94 2.33
C THR D 133 19.43 -39.43 3.53
N PHE D 134 19.11 -38.87 4.69
CA PHE D 134 19.77 -39.19 5.95
C PHE D 134 19.76 -40.68 6.25
N ARG D 135 20.88 -41.16 6.79
CA ARG D 135 20.99 -42.56 7.19
C ARG D 135 22.06 -42.69 8.25
N LEU D 136 21.73 -43.38 9.34
CA LEU D 136 22.68 -43.61 10.41
C LEU D 136 22.84 -45.13 10.47
N ASP D 137 24.08 -45.60 10.40
CA ASP D 137 24.35 -47.02 10.35
C ASP D 137 25.15 -47.65 11.49
N ARG D 138 26.01 -46.87 12.13
CA ARG D 138 26.84 -47.39 13.21
C ARG D 138 26.73 -46.57 14.48
N LYS D 139 27.45 -46.99 15.52
CA LYS D 139 27.45 -46.29 16.79
C LYS D 139 28.82 -45.63 16.96
N GLU D 140 29.06 -45.04 18.12
CA GLU D 140 30.34 -44.38 18.37
C GLU D 140 31.36 -45.42 18.77
N PRO D 141 32.62 -45.24 18.32
CA PRO D 141 33.07 -44.12 17.48
C PRO D 141 33.13 -44.51 16.00
N GLU D 142 32.72 -45.74 15.68
CA GLU D 142 32.76 -46.25 14.32
C GLU D 142 32.10 -45.39 13.25
N LEU D 143 31.08 -44.64 13.64
CA LEU D 143 30.36 -43.81 12.67
C LEU D 143 31.16 -42.62 12.17
N ASN D 144 32.37 -42.44 12.71
CA ASN D 144 33.22 -41.33 12.32
C ASN D 144 34.32 -41.67 11.30
N THR D 145 34.33 -42.88 10.76
CA THR D 145 35.37 -43.25 9.79
C THR D 145 35.40 -42.31 8.58
N ALA D 146 34.24 -41.86 8.13
CA ALA D 146 34.13 -40.94 7.00
C ALA D 146 34.98 -41.36 5.79
N ILE D 147 34.94 -42.64 5.46
CA ILE D 147 35.69 -43.16 4.33
C ILE D 147 35.12 -42.64 3.01
N PRO D 148 35.98 -42.16 2.11
CA PRO D 148 35.50 -41.64 0.82
C PRO D 148 34.81 -42.76 0.03
N GLY D 149 33.63 -42.47 -0.51
CA GLY D 149 32.90 -43.45 -1.27
C GLY D 149 31.98 -44.33 -0.43
N ASP D 150 32.08 -44.20 0.90
CA ASP D 150 31.23 -44.98 1.80
C ASP D 150 29.96 -44.18 2.03
N GLU D 151 28.81 -44.83 1.90
CA GLU D 151 27.56 -44.12 2.11
C GLU D 151 27.07 -44.22 3.56
N ARG D 152 27.67 -45.10 4.34
CA ARG D 152 27.27 -45.25 5.73
C ARG D 152 27.38 -43.94 6.51
N ASP D 153 26.36 -43.66 7.32
CA ASP D 153 26.36 -42.48 8.15
C ASP D 153 26.57 -41.17 7.39
N THR D 154 25.81 -40.95 6.33
CA THR D 154 25.94 -39.74 5.53
C THR D 154 24.61 -39.12 5.20
N THR D 155 24.68 -37.94 4.58
CA THR D 155 23.49 -37.23 4.12
C THR D 155 23.99 -36.11 3.22
N SER D 156 23.07 -35.36 2.64
CA SER D 156 23.46 -34.26 1.77
C SER D 156 23.25 -32.96 2.50
N PRO D 157 24.06 -31.95 2.18
CA PRO D 157 23.93 -30.65 2.83
C PRO D 157 22.50 -30.13 2.77
N LEU D 158 21.88 -30.21 1.60
CA LEU D 158 20.50 -29.72 1.46
C LEU D 158 19.51 -30.51 2.31
N ALA D 159 19.67 -31.83 2.35
CA ALA D 159 18.73 -32.64 3.12
C ALA D 159 18.85 -32.34 4.62
N MET D 160 20.05 -32.05 5.09
CA MET D 160 20.23 -31.76 6.51
C MET D 160 19.75 -30.34 6.80
N ALA D 161 19.90 -29.43 5.84
CA ALA D 161 19.43 -28.06 6.04
C ALA D 161 17.90 -28.08 6.17
N LYS D 162 17.24 -28.79 5.27
CA LYS D 162 15.79 -28.88 5.30
C LYS D 162 15.30 -29.52 6.60
N SER D 163 15.93 -30.63 6.99
CA SER D 163 15.53 -31.31 8.22
C SER D 163 15.78 -30.46 9.46
N LEU D 164 16.91 -29.76 9.50
CA LEU D 164 17.23 -28.92 10.65
C LEU D 164 16.15 -27.84 10.77
N ARG D 165 15.72 -27.30 9.65
CA ARG D 165 14.68 -26.28 9.63
C ARG D 165 13.38 -26.87 10.15
N LYS D 166 13.01 -28.03 9.63
CA LYS D 166 11.78 -28.71 10.06
C LYS D 166 11.77 -28.93 11.56
N LEU D 167 12.90 -29.35 12.11
CA LEU D 167 13.04 -29.62 13.54
C LEU D 167 13.11 -28.40 14.47
N THR D 168 13.79 -27.34 14.04
CA THR D 168 13.92 -26.15 14.90
C THR D 168 12.90 -25.06 14.64
N LEU D 169 12.46 -24.93 13.39
CA LEU D 169 11.51 -23.90 13.01
C LEU D 169 10.18 -24.46 12.48
N GLY D 170 10.21 -25.69 11.98
CA GLY D 170 9.01 -26.29 11.43
C GLY D 170 8.07 -26.96 12.42
N ASP D 171 7.41 -28.02 11.97
CA ASP D 171 6.47 -28.75 12.80
C ASP D 171 6.87 -30.21 13.11
N ALA D 172 8.09 -30.59 12.73
CA ALA D 172 8.58 -31.96 12.98
C ALA D 172 8.59 -32.27 14.48
N LEU D 173 8.61 -31.23 15.30
CA LEU D 173 8.58 -31.38 16.76
C LEU D 173 7.51 -30.43 17.30
N ALA D 174 6.94 -30.76 18.45
CA ALA D 174 5.93 -29.90 19.04
C ALA D 174 6.64 -28.73 19.75
N GLY D 175 5.87 -27.71 20.11
CA GLY D 175 6.45 -26.54 20.76
C GLY D 175 7.49 -26.77 21.83
N PRO D 176 7.15 -27.46 22.93
CA PRO D 176 8.10 -27.73 24.02
C PRO D 176 9.38 -28.41 23.55
N GLN D 177 9.22 -29.44 22.72
CA GLN D 177 10.37 -30.19 22.20
C GLN D 177 11.21 -29.29 21.28
N ARG D 178 10.53 -28.54 20.43
CA ARG D 178 11.19 -27.63 19.51
C ARG D 178 12.03 -26.60 20.29
N ALA D 179 11.44 -26.05 21.35
CA ALA D 179 12.13 -25.05 22.16
C ALA D 179 13.36 -25.61 22.88
N GLN D 180 13.28 -26.88 23.28
CA GLN D 180 14.40 -27.51 23.97
C GLN D 180 15.55 -27.78 23.00
N LEU D 181 15.23 -28.23 21.79
CA LEU D 181 16.28 -28.50 20.80
C LEU D 181 17.01 -27.19 20.48
N VAL D 182 16.24 -26.14 20.26
CA VAL D 182 16.82 -24.84 19.96
C VAL D 182 17.74 -24.38 21.10
N ASP D 183 17.25 -24.47 22.33
CA ASP D 183 18.04 -24.07 23.49
C ASP D 183 19.34 -24.86 23.55
N TRP D 184 19.25 -26.17 23.34
CA TRP D 184 20.44 -27.00 23.37
C TRP D 184 21.45 -26.57 22.30
N LEU D 185 20.97 -26.34 21.07
CA LEU D 185 21.86 -25.93 19.99
C LEU D 185 22.53 -24.60 20.31
N LYS D 186 21.77 -23.67 20.87
CA LYS D 186 22.31 -22.36 21.25
C LYS D 186 23.40 -22.49 22.31
N GLY D 187 23.34 -23.59 23.07
CA GLY D 187 24.30 -23.82 24.12
C GLY D 187 25.52 -24.66 23.74
N ASN D 188 25.68 -24.92 22.45
CA ASN D 188 26.83 -25.71 22.00
C ASN D 188 28.11 -24.99 22.43
N THR D 189 29.06 -25.72 22.99
CA THR D 189 30.32 -25.12 23.43
C THR D 189 31.47 -25.34 22.44
N THR D 190 31.26 -26.15 21.41
CA THR D 190 32.32 -26.46 20.45
C THR D 190 32.29 -25.80 19.06
N GLY D 191 31.40 -24.84 18.83
CA GLY D 191 31.34 -24.23 17.52
C GLY D 191 32.03 -22.88 17.34
N GLY D 192 32.69 -22.43 18.40
CA GLY D 192 33.36 -21.13 18.39
C GLY D 192 34.25 -20.78 17.21
N GLN D 193 34.88 -21.75 16.58
CA GLN D 193 35.76 -21.48 15.46
C GLN D 193 35.24 -21.95 14.11
N SER D 194 33.95 -22.26 14.05
CA SER D 194 33.36 -22.72 12.79
C SER D 194 32.44 -21.68 12.18
N ILE D 195 31.19 -22.06 11.93
CA ILE D 195 30.23 -21.13 11.33
C ILE D 195 30.13 -19.81 12.10
N ARG D 196 30.13 -19.88 13.43
CA ARG D 196 30.04 -18.69 14.27
C ARG D 196 31.15 -17.69 14.00
N ALA D 197 32.34 -18.20 13.70
CA ALA D 197 33.51 -17.36 13.44
C ALA D 197 33.40 -16.51 12.17
N GLY D 198 32.45 -16.84 11.30
CA GLY D 198 32.30 -16.06 10.08
C GLY D 198 31.09 -15.15 10.09
N LEU D 199 30.51 -14.97 11.27
CA LEU D 199 29.32 -14.13 11.40
C LEU D 199 29.52 -12.96 12.37
N PRO D 200 28.75 -11.88 12.19
CA PRO D 200 28.89 -10.73 13.10
C PRO D 200 28.74 -11.32 14.50
N ALA D 201 29.55 -10.84 15.44
CA ALA D 201 29.52 -11.35 16.81
C ALA D 201 28.19 -11.29 17.55
N HIS D 202 27.34 -10.30 17.28
CA HIS D 202 26.08 -10.20 18.01
C HIS D 202 24.92 -11.03 17.44
N TRP D 203 25.17 -11.73 16.33
CA TRP D 203 24.12 -12.58 15.74
C TRP D 203 23.92 -13.77 16.67
N VAL D 204 22.69 -14.27 16.77
CA VAL D 204 22.39 -15.41 17.64
C VAL D 204 22.47 -16.72 16.86
N VAL D 205 23.14 -17.70 17.44
CA VAL D 205 23.33 -18.97 16.77
C VAL D 205 23.17 -20.24 17.61
N GLY D 206 22.58 -21.25 17.02
CA GLY D 206 22.43 -22.56 17.60
C GLY D 206 23.11 -23.47 16.58
N ASP D 207 24.00 -24.36 17.01
CA ASP D 207 24.68 -25.23 16.04
C ASP D 207 25.24 -26.52 16.62
N LYS D 208 25.67 -27.40 15.73
CA LYS D 208 26.28 -28.67 16.10
C LYS D 208 27.42 -28.97 15.13
N THR D 209 28.63 -29.07 15.67
CA THR D 209 29.83 -29.34 14.91
C THR D 209 30.17 -30.82 14.78
N GLY D 210 31.20 -31.10 13.98
CA GLY D 210 31.67 -32.45 13.78
C GLY D 210 33.14 -32.39 13.37
N ALA D 211 33.92 -33.36 13.81
CA ALA D 211 35.34 -33.40 13.46
C ALA D 211 35.75 -34.85 13.46
N CYS D 212 36.02 -35.41 12.30
CA CYS D 212 36.38 -36.82 12.21
C CYS D 212 37.48 -37.14 11.19
N ASP D 213 37.65 -38.42 10.89
CA ASP D 213 38.69 -38.86 9.96
C ASP D 213 38.64 -38.19 8.60
N TYR D 214 39.74 -38.29 7.88
CA TYR D 214 39.86 -37.67 6.56
C TYR D 214 39.67 -36.17 6.74
N GLY D 215 40.13 -35.68 7.88
CA GLY D 215 40.03 -34.27 8.22
C GLY D 215 38.66 -33.68 7.98
N THR D 216 37.63 -34.51 8.17
CA THR D 216 36.26 -34.05 7.97
C THR D 216 35.86 -33.05 9.05
N THR D 217 35.43 -31.87 8.62
CA THR D 217 35.04 -30.80 9.53
C THR D 217 33.66 -30.30 9.15
N ASN D 218 32.69 -30.50 10.05
CA ASN D 218 31.32 -30.10 9.77
C ASN D 218 30.70 -29.18 10.81
N ASP D 219 29.60 -28.57 10.41
CA ASP D 219 28.86 -27.67 11.29
C ASP D 219 27.53 -27.38 10.62
N ILE D 220 26.45 -27.51 11.39
CA ILE D 220 25.11 -27.22 10.90
C ILE D 220 24.50 -26.26 11.92
N ALA D 221 23.82 -25.23 11.45
CA ALA D 221 23.27 -24.27 12.39
C ALA D 221 22.08 -23.48 11.93
N VAL D 222 21.47 -22.80 12.89
CA VAL D 222 20.32 -21.94 12.65
C VAL D 222 20.84 -20.58 13.09
N ILE D 223 20.68 -19.58 12.22
CA ILE D 223 21.18 -18.24 12.50
C ILE D 223 20.08 -17.19 12.47
N TRP D 224 20.08 -16.32 13.47
CA TRP D 224 19.12 -15.24 13.56
C TRP D 224 19.90 -13.92 13.41
N PRO D 225 19.93 -13.36 12.19
CA PRO D 225 20.66 -12.11 11.94
C PRO D 225 19.85 -10.92 12.43
N GLU D 226 20.18 -10.47 13.63
CA GLU D 226 19.49 -9.35 14.27
C GLU D 226 18.00 -9.67 14.30
N ASP D 227 17.18 -8.79 13.73
CA ASP D 227 15.74 -9.02 13.73
C ASP D 227 15.18 -9.52 12.40
N ARG D 228 16.06 -10.07 11.55
CA ARG D 228 15.63 -10.60 10.26
C ARG D 228 15.29 -12.09 10.35
N ALA D 229 14.60 -12.59 9.33
CA ALA D 229 14.20 -13.99 9.28
C ALA D 229 15.43 -14.88 9.42
N PRO D 230 15.30 -15.98 10.17
CA PRO D 230 16.43 -16.89 10.37
C PRO D 230 16.95 -17.56 9.09
N LEU D 231 18.20 -17.99 9.16
CA LEU D 231 18.87 -18.67 8.06
C LEU D 231 19.31 -20.03 8.59
N VAL D 232 19.12 -21.06 7.77
CA VAL D 232 19.52 -22.42 8.14
C VAL D 232 20.74 -22.72 7.28
N LEU D 233 21.86 -23.01 7.92
CA LEU D 233 23.08 -23.28 7.17
C LEU D 233 23.80 -24.57 7.51
N VAL D 234 24.19 -25.27 6.45
CA VAL D 234 24.94 -26.52 6.57
C VAL D 234 26.27 -26.37 5.81
N THR D 235 27.38 -26.57 6.50
CA THR D 235 28.69 -26.50 5.89
C THR D 235 29.42 -27.80 6.20
N TYR D 236 29.67 -28.59 5.16
CA TYR D 236 30.37 -29.86 5.30
C TYR D 236 31.69 -29.79 4.53
N PHE D 237 32.73 -30.38 5.09
CA PHE D 237 34.05 -30.38 4.47
C PHE D 237 34.82 -31.66 4.76
N THR D 238 35.35 -32.28 3.71
CA THR D 238 36.11 -33.51 3.87
C THR D 238 37.37 -33.44 3.00
N GLN D 239 38.42 -34.18 3.39
CA GLN D 239 39.67 -34.13 2.65
C GLN D 239 40.18 -35.48 2.15
N PRO D 240 41.13 -35.47 1.19
CA PRO D 240 41.71 -36.67 0.61
C PRO D 240 42.46 -37.61 1.57
N GLN D 241 43.24 -37.03 2.48
CA GLN D 241 44.04 -37.82 3.43
C GLN D 241 43.31 -38.22 4.71
N GLN D 242 43.44 -39.49 5.09
CA GLN D 242 42.80 -39.99 6.30
C GLN D 242 43.23 -39.21 7.55
N ASP D 243 44.52 -38.91 7.63
CA ASP D 243 45.07 -38.21 8.78
C ASP D 243 45.15 -36.69 8.60
N ALA D 244 44.34 -36.14 7.72
CA ALA D 244 44.36 -34.69 7.49
C ALA D 244 43.88 -33.91 8.71
N LYS D 245 44.44 -32.71 8.88
CA LYS D 245 44.09 -31.83 9.99
C LYS D 245 42.74 -31.18 9.72
N TRP D 246 42.02 -30.83 10.78
CA TRP D 246 40.71 -30.20 10.65
C TRP D 246 40.81 -28.76 10.15
N ARG D 247 39.83 -28.36 9.36
CA ARG D 247 39.81 -27.01 8.80
C ARG D 247 38.55 -26.24 9.19
N LYS D 248 38.42 -25.95 10.48
CA LYS D 248 37.26 -25.20 10.96
C LYS D 248 37.24 -23.83 10.30
N ASP D 249 38.41 -23.32 9.95
CA ASP D 249 38.53 -22.02 9.30
C ASP D 249 37.84 -22.02 7.94
N VAL D 250 37.78 -23.18 7.30
CA VAL D 250 37.13 -23.28 5.99
C VAL D 250 35.62 -23.10 6.15
N LEU D 251 35.07 -23.63 7.23
CA LEU D 251 33.63 -23.50 7.47
C LEU D 251 33.30 -22.05 7.82
N ALA D 252 34.21 -21.39 8.54
CA ALA D 252 33.99 -20.01 8.93
C ALA D 252 33.95 -19.13 7.69
N ALA D 253 34.84 -19.41 6.75
CA ALA D 253 34.93 -18.66 5.51
C ALA D 253 33.72 -18.92 4.63
N ALA D 254 33.28 -20.17 4.58
CA ALA D 254 32.10 -20.51 3.80
C ALA D 254 30.90 -19.77 4.39
N ALA D 255 30.81 -19.76 5.72
CA ALA D 255 29.70 -19.09 6.40
C ALA D 255 29.66 -17.60 6.11
N LYS D 256 30.83 -16.97 6.03
CA LYS D 256 30.87 -15.53 5.75
C LYS D 256 30.47 -15.25 4.32
N ILE D 257 30.91 -16.12 3.42
CA ILE D 257 30.60 -15.98 2.00
C ILE D 257 29.11 -15.99 1.69
N VAL D 258 28.37 -16.91 2.29
CA VAL D 258 26.95 -17.00 2.01
C VAL D 258 26.02 -16.16 2.90
N THR D 259 26.53 -15.69 4.04
CA THR D 259 25.68 -14.88 4.92
C THR D 259 25.98 -13.39 4.88
N GLU D 260 27.05 -13.00 4.18
CA GLU D 260 27.41 -11.59 4.11
C GLU D 260 26.28 -10.80 3.49
N GLY D 261 25.80 -9.78 4.20
CA GLY D 261 24.72 -8.96 3.69
C GLY D 261 23.33 -9.47 4.00
N LYS D 262 23.21 -10.58 4.72
CA LYS D 262 21.89 -11.12 5.06
C LYS D 262 21.37 -10.53 6.37
C7 IM2 E . -23.81 24.75 5.81
C2 IM2 E . -25.11 20.56 6.55
C6 IM2 E . -24.17 24.03 7.12
C5 IM2 E . -23.84 22.53 6.92
C3 IM2 E . -24.56 20.94 5.35
O7 IM2 E . -24.61 25.50 5.29
C61 IM2 E . -23.44 24.67 8.35
O62 IM2 E . -22.01 24.55 8.18
C62 IM2 E . -23.71 24.07 9.76
N4 IM2 E . -23.85 22.12 5.51
C31 IM2 E . -24.65 20.25 4.03
O31 IM2 E . -23.63 20.21 3.17
O32 IM2 E . -25.69 19.70 3.69
S21 IM2 E . -26.10 19.08 6.89
C22 IM2 E . -27.70 19.70 6.20
C23 IM2 E . -28.70 18.57 5.78
N24 IM2 E . -28.22 17.19 5.99
C25 IM2 E . -29.08 16.23 6.55
N26 IM2 E . -30.32 16.40 6.92
C1 IM2 E . -24.80 21.54 7.63
C7 IM2 F . -3.74 9.57 -40.01
C2 IM2 F . -7.45 7.89 -41.19
C6 IM2 F . -4.33 9.23 -41.37
C5 IM2 F . -5.85 9.62 -41.32
C3 IM2 F . -7.23 8.35 -39.92
O7 IM2 F . -3.21 8.70 -39.34
C61 IM2 F . -3.54 9.93 -42.53
O62 IM2 F . -3.63 11.36 -42.39
C62 IM2 F . -3.99 9.67 -44.00
N4 IM2 F . -6.46 9.52 -39.97
C31 IM2 F . -7.73 7.75 -38.63
O31 IM2 F . -7.86 6.42 -38.42
O32 IM2 F . -8.03 8.49 -37.70
S21 IM2 F . -8.39 6.43 -41.66
C22 IM2 F . -9.42 7.21 -42.97
C23 IM2 F . -9.31 6.50 -44.38
N24 IM2 F . -8.39 5.35 -44.38
C25 IM2 F . -8.31 4.51 -45.51
N26 IM2 F . -8.96 4.61 -46.64
C1 IM2 F . -6.79 8.76 -42.21
C7 IM2 G . -4.53 1.30 18.66
C2 IM2 G . -1.79 4.51 17.06
C6 IM2 G . -4.83 2.69 18.12
C5 IM2 G . -3.65 3.03 17.19
C3 IM2 G . -1.32 3.26 17.38
O7 IM2 G . -4.31 1.14 19.85
C61 IM2 G . -6.23 2.73 17.40
O62 IM2 G . -6.29 1.65 16.44
C62 IM2 G . -6.59 3.99 16.57
N4 IM2 G . -2.38 2.40 17.63
C31 IM2 G . 0.09 2.79 17.48
O31 IM2 G . 0.42 1.59 18.00
O32 IM2 G . 1.02 3.51 17.08
S21 IM2 G . -0.81 5.97 16.65
C22 IM2 G . -1.48 7.11 17.93
C23 IM2 G . -2.33 8.27 17.33
N24 IM2 G . -2.43 8.24 15.87
C25 IM2 G . -3.71 8.23 15.29
N26 IM2 G . -4.86 8.26 15.88
C1 IM2 G . -3.29 4.54 17.08
C7 IM2 H . 32.29 -35.73 15.95
C2 IM2 H . 34.91 -33.42 18.51
C6 IM2 H . 33.46 -36.16 16.81
C5 IM2 H . 33.50 -35.29 18.10
C3 IM2 H . 33.67 -32.94 18.17
O7 IM2 H . 32.45 -35.53 14.75
C61 IM2 H . 33.39 -37.69 17.13
O62 IM2 H . 32.18 -37.94 17.87
C62 IM2 H . 34.51 -38.30 17.99
N4 IM2 H . 32.77 -33.99 18.02
C31 IM2 H . 33.27 -31.52 18.00
O31 IM2 H . 32.17 -31.16 17.31
O32 IM2 H . 33.93 -30.62 18.49
S21 IM2 H . 36.40 -32.45 18.82
C22 IM2 H . 36.60 -32.92 20.59
C23 IM2 H . 37.81 -33.89 20.85
N24 IM2 H . 38.58 -34.26 19.64
C25 IM2 H . 38.89 -35.60 19.43
N26 IM2 H . 38.60 -36.63 20.19
C1 IM2 H . 34.93 -34.91 18.58
#